data_6TEM
#
_entry.id   6TEM
#
_cell.length_a   1.00
_cell.length_b   1.00
_cell.length_c   1.00
_cell.angle_alpha   90.00
_cell.angle_beta   90.00
_cell.angle_gamma   90.00
#
_symmetry.space_group_name_H-M   'P 1'
#
loop_
_entity.id
_entity.type
_entity.pdbx_description
1 polymer 'Histone H3-like centromeric protein A'
2 polymer 'Histone H4'
3 polymer 'Histone H2A'
4 polymer 'Histone H2B 1.1'
5 polymer 'Widom 601 DNA (145-MER, sense)'
6 polymer 'Widom 601 DNA (145-MER, antisense)'
#
loop_
_entity_poly.entity_id
_entity_poly.type
_entity_poly.pdbx_seq_one_letter_code
_entity_poly.pdbx_strand_id
1 'polypeptide(L)'
;MGPRRRSRKPEAPRRRSPSPTPTPGPSRRGPSLGASSHQHSRRRQGWLKEIRKLQKSTHLLIRKLPFSRLAREICVKFTR
GVDFNWQAQALLALQEAAEAFLVHLFEDAYLLTLHAGRVTLFPKDVQLARRIRGLEEGLG
;
A,E
2 'polypeptide(L)'
;MSGRGKGGKGLGKGGAKRHRKVLRDNIQGITKPAIRRLARRGGVKRISGLIYEETRGVLKVFLENVIRDAVTYTEHAKRK
TVTAMDVVYALKRQGRTLYGFGG
;
B,F
3 'polypeptide(L)'
;SGRGKQGGKTRAKAKTRSSRAGLQFPVGRVHRLLRKGNYAERVGAGAPVYLAAVLEYLTAEILELAGNAARDNKKTRIIP
RHLQLAVRNDEELNKLLGRVTIAQGGVLPNIQSVLLPKKTESSKSAKSK
;
C,G
4 'polypeptide(L)'
;PEPAKSAPAPKKGSKKAVTKTQKKDGKKRRKSRKESYAIYVYKVLKQVHPDTGISSKAMSIMNSFVNDVFERIAGEASRL
AHYNKRSTITSREIQTAVRLLLPGELAKHAVSEGTKAVTKYTSAK
;
D,H
5 'polydeoxyribonucleotide'
;(DT)(DG)(DG)(DA)(DG)(DA)(DA)(DT)(DC)(DC)(DC)(DG)(DG)(DT)(DG)(DC)(DC)(DG)(DA)(DG)
(DG)(DC)(DC)(DG)(DC)(DT)(DC)(DA)(DA)(DT)(DT)(DG)(DG)(DT)(DC)(DG)(DT)(DA)(DG)(DA)
(DC)(DA)(DG)(DC)(DT)(DC)(DT)(DA)(DG)(DC)(DA)(DC)(DC)(DG)(DC)(DT)(DT)(DA)(DA)(DA)
(DC)(DG)(DC)(DA)(DC)(DG)(DT)(DA)(DC)(DG)(DC)(DG)(DC)(DT)(DG)(DT)(DC)(DC)(DC)(DC)
(DC)(DG)(DC)(DG)(DT)(DT)(DT)(DT)(DA)(DA)(DC)(DC)(DG)(DC)(DC)(DA)(DA)(DG)(DG)(DG)
(DG)(DA)(DT)(DT)(DA)(DC)(DT)(DC)(DC)(DC)(DT)(DA)(DG)(DT)(DC)(DT)(DC)(DC)(DA)(DG)
(DG)(DC)(DA)(DC)(DG)(DT)(DG)(DT)(DC)(DA)(DG)(DA)(DT)(DA)(DT)(DA)(DT)(DA)(DC)(DA)
(DT)(DC)(DC)(DT)(DG)
;
I
6 'polydeoxyribonucleotide'
;(DC)(DA)(DG)(DG)(DA)(DT)(DG)(DT)(DA)(DT)(DA)(DT)(DA)(DT)(DC)(DT)(DG)(DA)(DC)(DA)
(DC)(DG)(DT)(DG)(DC)(DC)(DT)(DG)(DG)(DA)(DG)(DA)(DC)(DT)(DA)(DG)(DG)(DG)(DA)(DG)
(DT)(DA)(DA)(DT)(DC)(DC)(DC)(DC)(DT)(DT)(DG)(DG)(DC)(DG)(DG)(DT)(DT)(DA)(DA)(DA)
(DA)(DC)(DG)(DC)(DG)(DG)(DG)(DG)(DG)(DA)(DC)(DA)(DG)(DC)(DG)(DC)(DG)(DT)(DA)(DC)
(DG)(DT)(DG)(DC)(DG)(DT)(DT)(DT)(DA)(DA)(DG)(DC)(DG)(DG)(DT)(DG)(DC)(DT)(DA)(DG)
(DA)(DG)(DC)(DT)(DG)(DT)(DC)(DT)(DA)(DC)(DG)(DA)(DC)(DC)(DA)(DA)(DT)(DT)(DG)(DA)
(DG)(DC)(DG)(DG)(DC)(DC)(DT)(DC)(DG)(DG)(DC)(DA)(DC)(DC)(DG)(DG)(DG)(DA)(DT)(DT)
(DC)(DT)(DC)(DC)(DA)
;
J
#
# COMPACT_ATOMS: atom_id res chain seq x y z
N TRP A 47 21.97 28.04 -3.85
CA TRP A 47 21.87 29.48 -3.87
C TRP A 47 20.41 29.83 -4.10
N LEU A 48 19.94 30.92 -3.48
CA LEU A 48 18.51 31.11 -3.25
C LEU A 48 17.75 31.39 -4.54
N LYS A 49 18.38 32.09 -5.49
CA LYS A 49 17.66 32.43 -6.72
C LYS A 49 17.39 31.22 -7.59
N GLU A 50 18.31 30.26 -7.64
CA GLU A 50 17.93 29.08 -8.40
C GLU A 50 17.05 28.13 -7.60
N ILE A 51 17.01 28.23 -6.26
CA ILE A 51 16.01 27.51 -5.49
C ILE A 51 14.62 27.96 -5.90
N ARG A 52 14.39 29.28 -5.90
CA ARG A 52 13.08 29.77 -6.28
C ARG A 52 12.79 29.55 -7.76
N LYS A 53 13.82 29.61 -8.61
CA LYS A 53 13.57 29.47 -10.04
C LYS A 53 13.33 28.02 -10.42
N LEU A 54 13.91 27.06 -9.70
CA LEU A 54 13.61 25.66 -9.98
C LEU A 54 12.43 25.13 -9.18
N GLN A 55 11.91 25.89 -8.21
CA GLN A 55 10.63 25.48 -7.66
C GLN A 55 9.46 26.10 -8.40
N LYS A 56 9.60 27.34 -8.87
CA LYS A 56 8.50 27.98 -9.58
C LYS A 56 8.31 27.39 -10.97
N SER A 57 9.38 26.85 -11.55
CA SER A 57 9.23 26.17 -12.82
C SER A 57 8.51 24.84 -12.62
N THR A 58 7.97 24.32 -13.71
CA THR A 58 7.31 23.03 -13.70
C THR A 58 7.80 22.15 -14.83
N HIS A 59 9.04 22.34 -15.27
CA HIS A 59 9.62 21.52 -16.33
C HIS A 59 10.13 20.21 -15.76
N LEU A 60 10.94 19.49 -16.53
CA LEU A 60 11.58 18.29 -16.05
C LEU A 60 13.08 18.41 -16.27
N LEU A 61 13.85 17.78 -15.38
CA LEU A 61 15.20 18.24 -15.06
C LEU A 61 16.33 17.40 -15.63
N ILE A 62 16.20 16.09 -15.68
CA ILE A 62 17.16 15.29 -16.42
C ILE A 62 16.66 15.13 -17.84
N ARG A 63 17.57 15.16 -18.80
CA ARG A 63 17.17 15.45 -20.17
C ARG A 63 16.63 14.20 -20.87
N LYS A 64 16.45 14.27 -22.19
CA LYS A 64 15.70 13.24 -22.90
C LYS A 64 16.59 12.07 -23.33
N LEU A 65 17.62 12.33 -24.13
CA LEU A 65 18.46 11.24 -24.63
C LEU A 65 19.34 10.50 -23.62
N PRO A 66 19.97 11.11 -22.61
CA PRO A 66 20.65 10.28 -21.60
C PRO A 66 19.71 9.43 -20.78
N PHE A 67 18.49 9.89 -20.52
CA PHE A 67 17.56 9.02 -19.84
C PHE A 67 17.04 7.92 -20.75
N SER A 68 16.92 8.19 -22.06
CA SER A 68 16.47 7.13 -22.96
C SER A 68 17.52 6.04 -23.10
N ARG A 69 18.80 6.42 -23.18
CA ARG A 69 19.84 5.41 -23.27
C ARG A 69 20.03 4.65 -21.97
N LEU A 70 19.81 5.30 -20.82
CA LEU A 70 19.84 4.60 -19.55
C LEU A 70 18.71 3.58 -19.44
N ALA A 71 17.48 3.98 -19.78
CA ALA A 71 16.35 3.08 -19.64
C ALA A 71 16.43 1.93 -20.64
N ARG A 72 16.93 2.19 -21.85
CA ARG A 72 17.05 1.09 -22.80
C ARG A 72 18.15 0.12 -22.41
N GLU A 73 19.24 0.57 -21.78
CA GLU A 73 20.21 -0.37 -21.25
C GLU A 73 19.60 -1.26 -20.16
N ILE A 74 18.84 -0.64 -19.25
CA ILE A 74 18.28 -1.41 -18.14
C ILE A 74 17.19 -2.38 -18.62
N CYS A 75 16.52 -2.10 -19.75
CA CYS A 75 15.61 -3.10 -20.27
C CYS A 75 16.31 -4.14 -21.15
N VAL A 76 17.46 -3.81 -21.76
CA VAL A 76 18.28 -4.82 -22.43
C VAL A 76 18.81 -5.86 -21.47
N LYS A 77 19.08 -5.48 -20.22
CA LYS A 77 19.58 -6.46 -19.24
C LYS A 77 18.54 -7.53 -18.92
N PHE A 78 17.25 -7.18 -18.97
CA PHE A 78 16.14 -8.12 -18.85
C PHE A 78 15.75 -8.59 -20.24
N THR A 79 14.53 -9.11 -20.41
CA THR A 79 13.89 -9.42 -21.69
C THR A 79 14.64 -10.48 -22.49
N ARG A 80 15.43 -11.32 -21.80
CA ARG A 80 16.20 -12.43 -22.38
C ARG A 80 17.24 -11.95 -23.39
N GLY A 81 17.56 -10.66 -23.41
CA GLY A 81 18.48 -10.10 -24.38
C GLY A 81 17.81 -9.31 -25.49
N VAL A 82 16.67 -9.79 -25.98
CA VAL A 82 16.09 -9.26 -27.22
C VAL A 82 15.35 -7.96 -26.92
N ASP A 83 15.79 -6.89 -27.57
CA ASP A 83 15.46 -5.53 -27.16
C ASP A 83 14.05 -5.17 -27.58
N PHE A 84 13.38 -4.39 -26.74
CA PHE A 84 12.02 -3.95 -27.00
C PHE A 84 12.03 -2.62 -27.74
N ASN A 85 10.87 -1.99 -27.84
CA ASN A 85 10.74 -0.66 -28.43
C ASN A 85 9.99 0.17 -27.39
N TRP A 86 10.71 1.02 -26.68
CA TRP A 86 10.05 1.93 -25.74
C TRP A 86 9.25 2.96 -26.51
N GLN A 87 7.93 2.93 -26.32
CA GLN A 87 7.07 3.90 -26.98
C GLN A 87 7.33 5.27 -26.39
N ALA A 88 7.45 6.27 -27.26
CA ALA A 88 8.13 7.52 -26.92
C ALA A 88 7.35 8.43 -25.99
N GLN A 89 6.24 8.00 -25.41
CA GLN A 89 5.71 8.67 -24.24
C GLN A 89 5.99 7.89 -22.96
N ALA A 90 6.37 6.62 -23.06
CA ALA A 90 6.74 5.87 -21.87
C ALA A 90 8.04 6.40 -21.26
N LEU A 91 8.92 6.96 -22.05
CA LEU A 91 10.13 7.54 -21.48
C LEU A 91 9.83 8.83 -20.73
N LEU A 92 8.86 9.62 -21.20
CA LEU A 92 8.43 10.75 -20.40
C LEU A 92 7.75 10.29 -19.13
N ALA A 93 6.99 9.19 -19.20
CA ALA A 93 6.41 8.60 -17.99
C ALA A 93 7.49 8.18 -17.02
N LEU A 94 8.54 7.56 -17.52
CA LEU A 94 9.55 6.99 -16.66
C LEU A 94 10.44 8.05 -16.05
N GLN A 95 10.79 9.11 -16.81
CA GLN A 95 11.62 10.13 -16.19
C GLN A 95 10.82 11.07 -15.31
N GLU A 96 9.52 11.24 -15.53
CA GLU A 96 8.77 12.01 -14.54
C GLU A 96 8.53 11.19 -13.27
N ALA A 97 8.44 9.86 -13.40
CA ALA A 97 8.42 9.00 -12.21
C ALA A 97 9.73 9.06 -11.44
N ALA A 98 10.85 8.91 -12.15
CA ALA A 98 12.16 8.92 -11.49
C ALA A 98 12.49 10.28 -10.91
N GLU A 99 12.06 11.37 -11.55
CA GLU A 99 12.28 12.68 -10.98
C GLU A 99 11.43 12.90 -9.74
N ALA A 100 10.20 12.38 -9.71
CA ALA A 100 9.39 12.49 -8.50
C ALA A 100 10.02 11.70 -7.35
N PHE A 101 10.56 10.52 -7.65
CA PHE A 101 11.23 9.72 -6.62
C PHE A 101 12.50 10.41 -6.12
N LEU A 102 13.32 10.98 -7.00
CA LEU A 102 14.54 11.63 -6.54
C LEU A 102 14.27 12.92 -5.78
N VAL A 103 13.23 13.68 -6.14
CA VAL A 103 12.98 14.91 -5.41
C VAL A 103 12.42 14.62 -4.03
N HIS A 104 11.52 13.63 -3.90
CA HIS A 104 11.04 13.26 -2.58
C HIS A 104 12.15 12.67 -1.71
N LEU A 105 13.08 11.93 -2.31
CA LEU A 105 14.22 11.38 -1.57
C LEU A 105 15.14 12.49 -1.05
N PHE A 106 15.46 13.47 -1.91
CA PHE A 106 16.36 14.54 -1.47
C PHE A 106 15.69 15.45 -0.46
N GLU A 107 14.39 15.67 -0.56
CA GLU A 107 13.74 16.47 0.47
C GLU A 107 13.69 15.76 1.82
N ASP A 108 13.45 14.45 1.85
CA ASP A 108 13.42 13.78 3.14
C ASP A 108 14.82 13.64 3.75
N ALA A 109 15.84 13.38 2.91
CA ALA A 109 17.19 13.38 3.43
C ALA A 109 17.64 14.77 3.87
N TYR A 110 17.11 15.82 3.26
CA TYR A 110 17.50 17.12 3.75
C TYR A 110 16.78 17.49 5.03
N LEU A 111 15.57 16.96 5.25
CA LEU A 111 14.98 17.08 6.59
C LEU A 111 15.86 16.38 7.62
N LEU A 112 16.48 15.27 7.23
CA LEU A 112 17.41 14.61 8.16
C LEU A 112 18.65 15.45 8.44
N THR A 113 19.17 16.16 7.45
CA THR A 113 20.40 16.87 7.76
C THR A 113 20.14 18.22 8.42
N LEU A 114 18.98 18.84 8.22
CA LEU A 114 18.64 19.93 9.13
C LEU A 114 18.25 19.44 10.50
N HIS A 115 17.88 18.18 10.63
CA HIS A 115 17.76 17.60 11.96
C HIS A 115 19.13 17.43 12.61
N ALA A 116 20.10 16.91 11.87
CA ALA A 116 21.37 16.52 12.47
C ALA A 116 22.23 17.70 12.88
N GLY A 117 21.98 18.89 12.35
CA GLY A 117 22.73 20.10 12.70
C GLY A 117 23.49 20.70 11.54
N ARG A 118 23.87 19.88 10.56
CA ARG A 118 24.67 20.32 9.43
C ARG A 118 23.81 21.10 8.45
N VAL A 119 24.43 21.51 7.35
CA VAL A 119 23.70 22.14 6.24
C VAL A 119 23.86 21.38 4.94
N THR A 120 24.95 20.62 4.73
CA THR A 120 25.21 19.92 3.47
C THR A 120 24.30 18.70 3.36
N LEU A 121 24.60 17.83 2.39
CA LEU A 121 23.82 16.60 2.24
C LEU A 121 24.81 15.45 2.03
N PHE A 122 25.27 14.82 3.11
CA PHE A 122 26.15 13.67 3.01
C PHE A 122 25.40 12.47 2.43
N PRO A 123 26.11 11.50 1.84
CA PRO A 123 25.41 10.33 1.28
C PRO A 123 24.81 9.41 2.31
N LYS A 124 25.30 9.42 3.55
CA LYS A 124 24.65 8.60 4.55
C LYS A 124 23.27 9.13 4.90
N ASP A 125 23.00 10.42 4.66
CA ASP A 125 21.66 10.94 4.87
C ASP A 125 20.70 10.43 3.79
N VAL A 126 21.18 10.33 2.54
CA VAL A 126 20.37 9.74 1.48
C VAL A 126 20.05 8.29 1.79
N GLN A 127 21.08 7.50 2.15
CA GLN A 127 20.81 6.09 2.37
C GLN A 127 20.05 5.84 3.67
N LEU A 128 20.11 6.73 4.65
CA LEU A 128 19.32 6.51 5.84
C LEU A 128 17.88 6.95 5.62
N ALA A 129 17.65 8.04 4.87
CA ALA A 129 16.30 8.42 4.54
C ALA A 129 15.64 7.43 3.61
N ARG A 130 16.43 6.62 2.90
CA ARG A 130 15.83 5.49 2.21
C ARG A 130 15.61 4.30 3.16
N ARG A 131 16.45 4.15 4.18
CA ARG A 131 16.29 3.00 5.07
C ARG A 131 15.12 3.16 6.04
N ILE A 132 14.72 4.39 6.35
CA ILE A 132 13.57 4.57 7.24
C ILE A 132 12.26 4.34 6.50
N ARG A 133 12.13 4.87 5.29
CA ARG A 133 10.85 4.83 4.59
C ARG A 133 10.52 3.47 4.00
N GLY A 134 11.18 2.39 4.40
CA GLY A 134 10.85 1.07 3.91
C GLY A 134 11.93 0.48 3.02
N ASP B 25 29.28 3.57 -18.72
CA ASP B 25 29.49 4.92 -19.20
C ASP B 25 28.20 5.74 -19.18
N ASN B 26 27.08 5.10 -19.53
CA ASN B 26 25.81 5.81 -19.64
C ASN B 26 25.27 6.19 -18.27
N ILE B 27 25.47 5.35 -17.26
CA ILE B 27 25.02 5.70 -15.92
C ILE B 27 25.90 6.81 -15.35
N GLN B 28 27.16 6.89 -15.77
CA GLN B 28 27.99 8.05 -15.46
C GLN B 28 27.82 9.15 -16.48
N GLY B 29 26.77 9.05 -17.30
CA GLY B 29 26.48 10.02 -18.33
C GLY B 29 25.28 10.85 -18.02
N ILE B 30 24.42 10.40 -17.10
CA ILE B 30 23.41 11.31 -16.56
C ILE B 30 24.14 12.30 -15.66
N THR B 31 24.11 13.56 -16.06
CA THR B 31 25.15 14.50 -15.70
C THR B 31 25.05 14.92 -14.24
N LYS B 32 26.15 15.45 -13.73
CA LYS B 32 26.27 15.89 -12.36
C LYS B 32 25.52 17.20 -12.06
N PRO B 33 25.52 18.23 -12.93
CA PRO B 33 24.59 19.33 -12.67
C PRO B 33 23.13 18.97 -12.86
N ALA B 34 22.78 17.86 -13.52
CA ALA B 34 21.39 17.42 -13.48
C ALA B 34 21.02 16.91 -12.10
N ILE B 35 21.96 16.23 -11.45
CA ILE B 35 21.76 15.81 -10.05
C ILE B 35 21.61 17.02 -9.16
N ARG B 36 22.45 18.03 -9.34
CA ARG B 36 22.30 19.13 -8.40
C ARG B 36 21.13 20.04 -8.75
N ARG B 37 20.64 20.06 -9.99
CA ARG B 37 19.37 20.73 -10.25
C ARG B 37 18.19 19.98 -9.62
N LEU B 38 18.21 18.64 -9.69
CA LEU B 38 17.25 17.82 -8.94
C LEU B 38 17.27 18.14 -7.46
N ALA B 39 18.46 18.37 -6.92
CA ALA B 39 18.56 18.66 -5.50
C ALA B 39 18.06 20.06 -5.19
N ARG B 40 18.43 21.06 -5.98
CA ARG B 40 17.99 22.41 -5.71
C ARG B 40 16.51 22.62 -5.97
N ARG B 41 15.82 21.68 -6.63
CA ARG B 41 14.37 21.73 -6.59
C ARG B 41 13.86 21.45 -5.18
N GLY B 42 14.40 20.42 -4.54
CA GLY B 42 13.92 20.04 -3.22
C GLY B 42 14.25 21.01 -2.11
N GLY B 43 15.17 21.95 -2.35
CA GLY B 43 15.44 22.96 -1.37
C GLY B 43 16.65 22.65 -0.52
N VAL B 44 17.77 22.33 -1.16
CA VAL B 44 18.97 21.88 -0.49
C VAL B 44 20.04 22.96 -0.65
N LYS B 45 20.70 23.33 0.45
CA LYS B 45 21.64 24.44 0.35
C LYS B 45 23.04 24.01 -0.03
N ARG B 46 23.55 22.91 0.50
CA ARG B 46 24.89 22.48 0.13
C ARG B 46 24.93 20.99 -0.20
N ILE B 47 25.46 20.71 -1.38
CA ILE B 47 25.56 19.36 -1.91
C ILE B 47 26.96 18.86 -1.65
N SER B 48 27.09 17.75 -0.95
CA SER B 48 28.42 17.19 -0.75
C SER B 48 28.86 16.49 -2.01
N GLY B 49 30.16 16.45 -2.22
CA GLY B 49 30.69 15.90 -3.46
C GLY B 49 30.66 14.38 -3.56
N LEU B 50 30.21 13.69 -2.52
CA LEU B 50 30.13 12.25 -2.55
C LEU B 50 28.70 11.77 -2.79
N ILE B 51 27.73 12.68 -2.83
CA ILE B 51 26.32 12.31 -2.99
C ILE B 51 26.04 11.75 -4.38
N TYR B 52 26.93 11.98 -5.35
CA TYR B 52 26.57 11.73 -6.73
C TYR B 52 26.60 10.24 -7.04
N GLU B 53 27.53 9.50 -6.45
CA GLU B 53 27.55 8.06 -6.69
C GLU B 53 26.41 7.35 -5.98
N GLU B 54 26.04 7.82 -4.78
CA GLU B 54 24.93 7.19 -4.10
C GLU B 54 23.59 7.53 -4.76
N THR B 55 23.46 8.73 -5.33
CA THR B 55 22.21 9.00 -6.00
C THR B 55 22.13 8.32 -7.37
N ARG B 56 23.26 8.02 -8.02
CA ARG B 56 23.18 7.16 -9.18
C ARG B 56 22.84 5.74 -8.79
N GLY B 57 23.32 5.29 -7.62
CA GLY B 57 22.92 3.98 -7.13
C GLY B 57 21.43 3.87 -6.86
N VAL B 58 20.84 4.90 -6.25
CA VAL B 58 19.41 4.82 -5.96
C VAL B 58 18.56 5.01 -7.22
N LEU B 59 19.06 5.77 -8.21
CA LEU B 59 18.33 5.86 -9.46
C LEU B 59 18.37 4.56 -10.24
N LYS B 60 19.52 3.89 -10.26
CA LYS B 60 19.61 2.60 -10.95
C LYS B 60 18.77 1.52 -10.26
N VAL B 61 18.64 1.57 -8.93
CA VAL B 61 17.78 0.60 -8.25
C VAL B 61 16.31 0.84 -8.55
N PHE B 62 15.89 2.12 -8.54
CA PHE B 62 14.51 2.45 -8.90
C PHE B 62 14.17 2.02 -10.32
N LEU B 63 15.09 2.25 -11.27
CA LEU B 63 14.77 1.87 -12.64
C LEU B 63 14.81 0.37 -12.84
N GLU B 64 15.63 -0.37 -12.09
CA GLU B 64 15.55 -1.82 -12.18
C GLU B 64 14.20 -2.35 -11.72
N ASN B 65 13.66 -1.77 -10.63
CA ASN B 65 12.35 -2.23 -10.16
C ASN B 65 11.23 -1.92 -11.15
N VAL B 66 11.13 -0.67 -11.59
CA VAL B 66 9.98 -0.33 -12.43
C VAL B 66 10.15 -0.91 -13.84
N ILE B 67 11.38 -1.15 -14.30
CA ILE B 67 11.51 -1.75 -15.62
C ILE B 67 11.33 -3.26 -15.56
N ARG B 68 11.59 -3.91 -14.41
CA ARG B 68 11.20 -5.32 -14.29
C ARG B 68 9.69 -5.48 -14.32
N ASP B 69 8.96 -4.59 -13.65
CA ASP B 69 7.50 -4.74 -13.65
C ASP B 69 6.89 -4.37 -15.02
N ALA B 70 7.40 -3.32 -15.66
CA ALA B 70 6.89 -2.94 -16.98
C ALA B 70 7.23 -3.97 -18.04
N VAL B 71 8.44 -4.55 -17.98
CA VAL B 71 8.83 -5.60 -18.92
C VAL B 71 7.97 -6.85 -18.74
N THR B 72 7.65 -7.21 -17.49
CA THR B 72 6.85 -8.41 -17.29
C THR B 72 5.40 -8.20 -17.74
N TYR B 73 4.83 -7.00 -17.54
CA TYR B 73 3.52 -6.69 -18.10
C TYR B 73 3.51 -6.74 -19.63
N THR B 74 4.43 -6.02 -20.28
CA THR B 74 4.38 -5.99 -21.73
C THR B 74 4.91 -7.23 -22.40
N GLU B 75 5.50 -8.16 -21.65
CA GLU B 75 5.84 -9.45 -22.21
C GLU B 75 4.76 -10.48 -21.93
N HIS B 76 3.96 -10.30 -20.87
CA HIS B 76 2.75 -11.10 -20.75
C HIS B 76 1.75 -10.76 -21.84
N ALA B 77 1.58 -9.47 -22.15
CA ALA B 77 0.58 -9.12 -23.14
C ALA B 77 0.97 -9.47 -24.57
N LYS B 78 2.17 -10.00 -24.78
CA LYS B 78 2.76 -10.34 -26.08
C LYS B 78 2.75 -9.12 -27.00
N ARG B 79 3.54 -8.14 -26.58
CA ARG B 79 3.50 -6.80 -27.16
C ARG B 79 4.91 -6.23 -27.05
N LYS B 80 5.71 -6.38 -28.11
CA LYS B 80 7.13 -6.08 -28.04
C LYS B 80 7.45 -4.58 -27.93
N THR B 81 6.48 -3.69 -28.08
CA THR B 81 6.70 -2.28 -27.80
C THR B 81 6.14 -1.99 -26.42
N VAL B 82 7.00 -1.55 -25.52
CA VAL B 82 6.54 -1.18 -24.18
C VAL B 82 5.70 0.09 -24.32
N THR B 83 4.46 0.02 -23.88
CA THR B 83 3.52 1.13 -23.98
C THR B 83 3.83 2.12 -22.85
N ALA B 84 3.03 3.16 -22.68
CA ALA B 84 3.14 3.97 -21.48
C ALA B 84 2.18 3.54 -20.40
N MET B 85 1.03 3.00 -20.79
CA MET B 85 0.01 2.59 -19.84
C MET B 85 0.45 1.40 -18.99
N ASP B 86 1.37 0.58 -19.47
CA ASP B 86 1.87 -0.48 -18.60
C ASP B 86 2.93 0.02 -17.62
N VAL B 87 3.72 1.03 -17.99
CA VAL B 87 4.57 1.71 -17.01
C VAL B 87 3.73 2.37 -15.93
N VAL B 88 2.58 2.95 -16.31
CA VAL B 88 1.67 3.50 -15.31
C VAL B 88 1.07 2.39 -14.45
N TYR B 89 0.81 1.20 -15.02
CA TYR B 89 0.35 0.09 -14.20
C TYR B 89 1.44 -0.43 -13.28
N ALA B 90 2.69 -0.38 -13.71
CA ALA B 90 3.80 -0.79 -12.86
C ALA B 90 3.99 0.17 -11.71
N LEU B 91 3.81 1.47 -11.94
CA LEU B 91 3.88 2.40 -10.83
C LEU B 91 2.66 2.31 -9.94
N LYS B 92 1.49 2.05 -10.51
CA LYS B 92 0.27 1.91 -9.73
C LYS B 92 0.33 0.69 -8.83
N ARG B 93 1.07 -0.33 -9.24
CA ARG B 93 1.16 -1.56 -8.47
C ARG B 93 2.01 -1.37 -7.22
N GLN B 94 3.24 -0.90 -7.37
CA GLN B 94 4.11 -0.78 -6.20
C GLN B 94 3.85 0.51 -5.41
N GLY B 95 2.80 1.24 -5.74
CA GLY B 95 2.34 2.32 -4.90
C GLY B 95 3.16 3.58 -4.98
N ARG B 96 3.30 4.15 -6.17
CA ARG B 96 3.65 5.56 -6.34
C ARG B 96 2.96 6.09 -7.59
N THR B 97 1.64 5.87 -7.67
CA THR B 97 0.86 5.98 -8.89
C THR B 97 0.97 7.33 -9.58
N LEU B 98 0.79 7.30 -10.90
CA LEU B 98 1.08 8.40 -11.80
C LEU B 98 -0.19 8.82 -12.50
N TYR B 99 -0.46 10.12 -12.56
CA TYR B 99 -1.66 10.65 -13.17
C TYR B 99 -1.34 11.33 -14.49
N GLY B 100 -2.06 10.95 -15.54
CA GLY B 100 -1.93 11.68 -16.78
C GLY B 100 -1.95 10.81 -18.02
N PHE B 101 -1.74 9.52 -17.86
CA PHE B 101 -1.48 8.63 -19.00
C PHE B 101 -2.50 7.50 -19.10
N GLY B 102 -3.74 7.76 -18.69
CA GLY B 102 -4.73 6.71 -18.68
C GLY B 102 -4.50 5.73 -17.54
N GLY B 103 -4.69 6.21 -16.31
CA GLY B 103 -4.48 5.40 -15.13
C GLY B 103 -5.59 4.41 -14.86
N ALA C 14 -6.52 -42.74 -8.57
CA ALA C 14 -6.15 -41.35 -8.87
C ALA C 14 -7.36 -40.44 -8.76
N LYS C 15 -8.28 -40.77 -7.85
CA LYS C 15 -9.61 -40.18 -7.84
C LYS C 15 -9.69 -38.88 -7.06
N THR C 16 -8.58 -38.19 -6.87
CA THR C 16 -8.56 -36.76 -6.60
C THR C 16 -7.67 -36.13 -7.65
N ARG C 17 -7.67 -34.79 -7.72
CA ARG C 17 -6.75 -34.13 -8.64
C ARG C 17 -5.54 -33.50 -7.94
N SER C 18 -5.69 -33.15 -6.64
CA SER C 18 -4.58 -32.81 -5.77
C SER C 18 -3.50 -33.88 -5.81
N SER C 19 -3.82 -35.09 -5.36
CA SER C 19 -2.88 -36.19 -5.44
C SER C 19 -2.60 -36.65 -6.87
N ARG C 20 -3.24 -36.08 -7.89
CA ARG C 20 -2.77 -36.38 -9.22
C ARG C 20 -1.58 -35.52 -9.59
N ALA C 21 -1.58 -34.26 -9.14
CA ALA C 21 -0.60 -33.29 -9.60
C ALA C 21 0.60 -33.17 -8.67
N GLY C 22 0.95 -34.23 -7.97
CA GLY C 22 2.10 -34.21 -7.08
C GLY C 22 1.87 -33.58 -5.73
N LEU C 23 1.06 -32.54 -5.68
CA LEU C 23 0.96 -31.60 -4.58
C LEU C 23 0.35 -32.24 -3.34
N GLN C 24 0.27 -31.43 -2.29
CA GLN C 24 -0.48 -31.78 -1.09
C GLN C 24 -1.52 -30.74 -0.74
N PHE C 25 -1.66 -29.67 -1.54
CA PHE C 25 -2.71 -28.73 -1.19
C PHE C 25 -4.02 -29.04 -1.92
N PRO C 26 -5.16 -28.63 -1.38
CA PRO C 26 -6.42 -28.91 -2.07
C PRO C 26 -6.67 -28.04 -3.28
N VAL C 27 -6.20 -28.46 -4.45
CA VAL C 27 -6.44 -27.69 -5.67
C VAL C 27 -7.91 -27.59 -6.00
N GLY C 28 -8.74 -28.52 -5.51
CA GLY C 28 -10.18 -28.41 -5.69
C GLY C 28 -10.78 -27.19 -5.00
N ARG C 29 -10.38 -26.94 -3.75
CA ARG C 29 -11.00 -25.79 -3.11
C ARG C 29 -10.34 -24.47 -3.48
N VAL C 30 -9.11 -24.46 -4.00
CA VAL C 30 -8.66 -23.18 -4.52
C VAL C 30 -9.32 -22.90 -5.87
N HIS C 31 -9.73 -23.95 -6.60
CA HIS C 31 -10.59 -23.74 -7.76
C HIS C 31 -11.94 -23.19 -7.33
N ARG C 32 -12.48 -23.70 -6.21
CA ARG C 32 -13.76 -23.20 -5.70
C ARG C 32 -13.65 -21.76 -5.22
N LEU C 33 -12.52 -21.39 -4.62
CA LEU C 33 -12.36 -20.02 -4.17
C LEU C 33 -12.11 -19.06 -5.33
N LEU C 34 -11.42 -19.51 -6.38
CA LEU C 34 -11.26 -18.66 -7.55
C LEU C 34 -12.57 -18.48 -8.30
N ARG C 35 -13.46 -19.46 -8.25
CA ARG C 35 -14.77 -19.22 -8.85
C ARG C 35 -15.64 -18.34 -7.96
N LYS C 36 -15.94 -18.80 -6.74
CA LYS C 36 -16.85 -18.10 -5.84
C LYS C 36 -16.25 -16.86 -5.19
N GLY C 37 -15.05 -16.44 -5.55
CA GLY C 37 -14.51 -15.23 -4.98
C GLY C 37 -14.27 -14.16 -6.03
N ASN C 38 -15.19 -14.08 -7.00
CA ASN C 38 -15.39 -13.00 -7.99
C ASN C 38 -14.10 -12.36 -8.52
N TYR C 39 -13.17 -13.20 -8.94
CA TYR C 39 -11.92 -12.76 -9.55
C TYR C 39 -12.07 -12.69 -11.06
N ALA C 40 -12.38 -13.81 -11.69
CA ALA C 40 -12.73 -13.80 -13.10
C ALA C 40 -13.79 -14.86 -13.35
N GLU C 41 -14.43 -14.75 -14.50
CA GLU C 41 -15.57 -15.59 -14.83
C GLU C 41 -15.13 -17.00 -15.19
N ARG C 42 -14.14 -17.14 -16.05
CA ARG C 42 -13.74 -18.44 -16.55
C ARG C 42 -12.33 -18.71 -16.03
N VAL C 43 -12.19 -19.70 -15.16
CA VAL C 43 -10.94 -20.05 -14.52
C VAL C 43 -10.49 -21.37 -15.11
N GLY C 44 -9.48 -21.35 -15.96
CA GLY C 44 -9.02 -22.57 -16.59
C GLY C 44 -8.35 -23.50 -15.60
N ALA C 45 -8.37 -24.80 -15.91
CA ALA C 45 -7.94 -25.80 -14.95
C ALA C 45 -6.45 -26.02 -14.94
N GLY C 46 -5.67 -25.05 -15.38
CA GLY C 46 -4.26 -25.06 -15.09
C GLY C 46 -3.98 -24.07 -13.98
N ALA C 47 -4.86 -23.09 -13.84
CA ALA C 47 -4.58 -21.99 -12.92
C ALA C 47 -4.67 -22.39 -11.45
N PRO C 48 -5.69 -23.12 -10.95
CA PRO C 48 -5.65 -23.44 -9.53
C PRO C 48 -4.61 -24.48 -9.17
N VAL C 49 -4.26 -25.38 -10.08
CA VAL C 49 -3.18 -26.32 -9.80
C VAL C 49 -1.85 -25.58 -9.72
N TYR C 50 -1.66 -24.58 -10.59
CA TYR C 50 -0.47 -23.73 -10.51
C TYR C 50 -0.44 -22.95 -9.21
N LEU C 51 -1.60 -22.47 -8.77
CA LEU C 51 -1.66 -21.61 -7.61
C LEU C 51 -1.45 -22.38 -6.32
N ALA C 52 -2.01 -23.57 -6.22
CA ALA C 52 -1.70 -24.34 -5.03
C ALA C 52 -0.32 -24.94 -5.08
N ALA C 53 0.30 -25.07 -6.27
CA ALA C 53 1.71 -25.43 -6.31
C ALA C 53 2.60 -24.34 -5.73
N VAL C 54 2.32 -23.08 -6.07
CA VAL C 54 3.17 -22.03 -5.52
C VAL C 54 2.87 -21.83 -4.02
N LEU C 55 1.65 -22.13 -3.57
CA LEU C 55 1.40 -22.04 -2.12
C LEU C 55 2.08 -23.16 -1.34
N GLU C 56 2.09 -24.37 -1.91
CA GLU C 56 2.78 -25.47 -1.24
C GLU C 56 4.28 -25.24 -1.20
N TYR C 57 4.84 -24.58 -2.22
CA TYR C 57 6.26 -24.23 -2.13
C TYR C 57 6.53 -23.15 -1.09
N LEU C 58 5.68 -22.13 -0.98
CA LEU C 58 5.92 -21.11 0.04
C LEU C 58 5.77 -21.64 1.46
N THR C 59 4.77 -22.50 1.70
CA THR C 59 4.67 -23.14 3.01
C THR C 59 5.87 -24.03 3.30
N ALA C 60 6.36 -24.76 2.29
CA ALA C 60 7.53 -25.61 2.51
C ALA C 60 8.78 -24.80 2.81
N GLU C 61 8.92 -23.61 2.22
CA GLU C 61 10.12 -22.83 2.52
C GLU C 61 10.07 -22.16 3.89
N ILE C 62 8.94 -21.53 4.24
CA ILE C 62 8.84 -20.92 5.57
C ILE C 62 8.91 -21.99 6.67
N LEU C 63 8.44 -23.21 6.40
CA LEU C 63 8.51 -24.23 7.44
C LEU C 63 9.86 -24.91 7.50
N GLU C 64 10.62 -24.97 6.41
CA GLU C 64 12.02 -25.38 6.52
C GLU C 64 12.82 -24.41 7.36
N LEU C 65 12.60 -23.10 7.19
CA LEU C 65 13.36 -22.15 7.97
C LEU C 65 12.94 -22.16 9.45
N ALA C 66 11.64 -22.23 9.72
CA ALA C 66 11.20 -22.30 11.10
C ALA C 66 11.63 -23.61 11.76
N GLY C 67 11.72 -24.69 10.99
CA GLY C 67 12.16 -25.94 11.55
C GLY C 67 13.64 -25.96 11.91
N ASN C 68 14.50 -25.34 11.08
CA ASN C 68 15.90 -25.39 11.49
C ASN C 68 16.17 -24.41 12.63
N ALA C 69 15.39 -23.33 12.74
CA ALA C 69 15.49 -22.52 13.95
C ALA C 69 14.96 -23.27 15.18
N ALA C 70 13.94 -24.11 15.00
CA ALA C 70 13.41 -24.87 16.14
C ALA C 70 14.38 -25.94 16.62
N ARG C 71 15.11 -26.57 15.70
CA ARG C 71 16.16 -27.46 16.13
C ARG C 71 17.36 -26.70 16.69
N ASP C 72 17.50 -25.42 16.34
CA ASP C 72 18.59 -24.64 16.93
C ASP C 72 18.32 -24.29 18.39
N ASN C 73 17.10 -23.87 18.74
CA ASN C 73 16.85 -23.50 20.14
C ASN C 73 16.57 -24.68 21.07
N LYS C 74 16.87 -25.92 20.66
CA LYS C 74 16.69 -27.14 21.46
C LYS C 74 15.21 -27.32 21.87
N LYS C 75 14.33 -27.29 20.88
CA LYS C 75 12.91 -27.53 21.10
C LYS C 75 12.37 -28.44 20.01
N THR C 76 11.09 -28.79 20.10
CA THR C 76 10.48 -29.63 19.07
C THR C 76 9.07 -29.19 18.71
N ARG C 77 8.77 -27.91 18.87
CA ARG C 77 7.58 -27.34 18.27
C ARG C 77 7.99 -26.16 17.40
N ILE C 78 7.04 -25.64 16.65
CA ILE C 78 7.19 -24.36 15.99
C ILE C 78 6.16 -23.42 16.61
N ILE C 79 6.62 -22.54 17.47
CA ILE C 79 5.77 -21.58 18.16
C ILE C 79 5.90 -20.30 17.35
N PRO C 80 5.13 -19.22 17.57
CA PRO C 80 5.22 -18.05 16.66
C PRO C 80 6.55 -17.30 16.66
N ARG C 81 7.37 -17.38 17.72
CA ARG C 81 8.61 -16.63 17.71
C ARG C 81 9.60 -17.23 16.71
N HIS C 82 9.56 -18.54 16.52
CA HIS C 82 10.32 -19.14 15.42
C HIS C 82 9.85 -18.64 14.07
N LEU C 83 8.56 -18.35 13.93
CA LEU C 83 8.09 -17.85 12.64
C LEU C 83 8.57 -16.42 12.40
N GLN C 84 8.62 -15.57 13.43
CA GLN C 84 9.26 -14.26 13.24
C GLN C 84 10.73 -14.38 12.93
N LEU C 85 11.46 -15.24 13.65
CA LEU C 85 12.89 -15.32 13.38
C LEU C 85 13.20 -15.96 12.04
N ALA C 86 12.29 -16.76 11.50
CA ALA C 86 12.51 -17.38 10.20
C ALA C 86 11.96 -16.57 9.04
N VAL C 87 11.09 -15.60 9.27
CA VAL C 87 10.79 -14.67 8.20
C VAL C 87 11.64 -13.40 8.28
N ARG C 88 12.38 -13.19 9.36
CA ARG C 88 13.21 -12.00 9.43
C ARG C 88 14.69 -12.28 9.31
N ASN C 89 15.17 -13.47 9.68
CA ASN C 89 16.59 -13.80 9.50
C ASN C 89 16.88 -14.38 8.12
N ASP C 90 16.02 -14.08 7.14
CA ASP C 90 16.27 -14.36 5.74
C ASP C 90 15.81 -13.11 4.98
N GLU C 91 16.24 -12.96 3.74
CA GLU C 91 16.03 -11.69 3.08
C GLU C 91 14.92 -11.68 2.03
N GLU C 92 14.75 -12.73 1.23
CA GLU C 92 13.67 -12.66 0.25
C GLU C 92 12.30 -12.81 0.91
N LEU C 93 12.20 -13.58 1.99
CA LEU C 93 10.95 -13.63 2.73
C LEU C 93 10.70 -12.34 3.49
N ASN C 94 11.76 -11.63 3.87
CA ASN C 94 11.57 -10.31 4.45
C ASN C 94 11.08 -9.33 3.40
N LYS C 95 11.51 -9.47 2.15
CA LYS C 95 10.98 -8.58 1.12
C LYS C 95 9.58 -8.94 0.71
N LEU C 96 9.15 -10.18 0.95
CA LEU C 96 7.76 -10.54 0.67
C LEU C 96 6.83 -10.11 1.80
N LEU C 97 7.22 -10.31 3.06
CA LEU C 97 6.37 -10.03 4.22
C LEU C 97 6.78 -8.76 4.93
N GLY C 98 7.17 -7.73 4.20
CA GLY C 98 7.85 -6.60 4.78
C GLY C 98 7.05 -5.62 5.59
N ARG C 99 5.78 -5.89 5.85
CA ARG C 99 4.92 -4.92 6.50
C ARG C 99 4.09 -5.51 7.62
N VAL C 100 3.85 -6.82 7.65
CA VAL C 100 2.91 -7.48 8.54
C VAL C 100 3.39 -7.44 9.98
N THR C 101 2.51 -7.82 10.91
CA THR C 101 2.85 -8.00 12.31
C THR C 101 2.45 -9.41 12.70
N ILE C 102 3.44 -10.26 12.95
CA ILE C 102 3.19 -11.62 13.40
C ILE C 102 2.81 -11.56 14.87
N ALA C 103 1.74 -12.27 15.22
CA ALA C 103 1.25 -12.29 16.59
C ALA C 103 2.24 -12.97 17.51
N GLN C 104 2.37 -12.44 18.73
CA GLN C 104 3.13 -13.04 19.84
C GLN C 104 4.59 -13.25 19.49
N GLY C 105 5.13 -12.42 18.61
CA GLY C 105 6.42 -12.73 18.02
C GLY C 105 7.61 -12.07 18.67
N GLY C 106 7.46 -10.85 19.14
CA GLY C 106 8.60 -10.14 19.70
C GLY C 106 9.35 -9.39 18.61
N VAL C 107 10.65 -9.19 18.79
CA VAL C 107 11.52 -8.63 17.76
C VAL C 107 12.79 -9.47 17.73
N LEU C 108 13.54 -9.32 16.65
CA LEU C 108 14.84 -9.98 16.52
C LEU C 108 15.88 -9.21 17.33
N PRO C 109 16.87 -9.90 17.90
CA PRO C 109 17.81 -9.21 18.78
C PRO C 109 18.74 -8.25 18.05
N ASN C 110 18.49 -6.96 18.19
CA ASN C 110 19.35 -5.93 17.62
C ASN C 110 19.75 -4.91 18.66
N ILE C 111 21.04 -4.59 18.70
CA ILE C 111 21.59 -3.49 19.46
C ILE C 111 22.57 -2.77 18.54
N GLN C 112 22.39 -1.46 18.39
CA GLN C 112 23.19 -0.71 17.44
C GLN C 112 24.63 -0.57 17.93
N SER C 113 25.50 -0.06 17.06
CA SER C 113 26.93 -0.06 17.34
C SER C 113 27.30 1.03 18.33
N VAL C 114 26.85 2.27 18.07
CA VAL C 114 27.24 3.45 18.82
C VAL C 114 26.77 3.37 20.26
N LEU C 115 25.74 2.57 20.53
CA LEU C 115 25.29 2.33 21.89
C LEU C 115 26.33 1.59 22.71
N LEU C 116 27.00 0.60 22.13
CA LEU C 116 27.77 -0.34 22.94
C LEU C 116 29.06 0.28 23.43
N PRO C 117 29.38 0.18 24.73
CA PRO C 117 30.58 0.79 25.33
C PRO C 117 31.88 0.11 24.92
N LYS D 31 -24.21 -26.33 14.02
CA LYS D 31 -23.12 -25.37 14.06
C LYS D 31 -22.79 -25.01 12.61
N SER D 32 -21.52 -25.00 12.23
CA SER D 32 -21.09 -24.57 10.89
C SER D 32 -19.74 -25.17 10.59
N ARG D 33 -19.61 -25.80 9.42
CA ARG D 33 -18.30 -26.22 8.94
C ARG D 33 -17.49 -25.00 8.53
N LYS D 34 -16.22 -24.96 8.94
CA LYS D 34 -15.31 -23.88 8.58
C LYS D 34 -14.20 -24.41 7.68
N GLU D 35 -13.86 -23.64 6.65
CA GLU D 35 -12.76 -23.97 5.77
C GLU D 35 -11.46 -23.47 6.40
N SER D 36 -10.46 -24.34 6.45
CA SER D 36 -9.19 -23.99 7.07
C SER D 36 -8.12 -24.88 6.49
N TYR D 37 -6.91 -24.35 6.43
CA TYR D 37 -5.76 -25.05 5.87
C TYR D 37 -4.87 -25.63 6.93
N ALA D 38 -5.43 -26.01 8.08
CA ALA D 38 -4.60 -26.52 9.17
C ALA D 38 -4.04 -27.90 8.84
N ILE D 39 -4.90 -28.79 8.35
CA ILE D 39 -4.49 -30.17 8.08
C ILE D 39 -3.44 -30.25 6.98
N TYR D 40 -3.51 -29.35 5.99
CA TYR D 40 -2.56 -29.41 4.89
C TYR D 40 -1.21 -28.84 5.28
N VAL D 41 -1.21 -27.77 6.08
CA VAL D 41 0.02 -27.25 6.67
C VAL D 41 0.68 -28.32 7.51
N TYR D 42 -0.13 -29.14 8.21
CA TYR D 42 0.48 -30.15 9.07
C TYR D 42 1.10 -31.27 8.25
N LYS D 43 0.48 -31.68 7.15
CA LYS D 43 1.16 -32.74 6.42
C LYS D 43 2.31 -32.22 5.56
N VAL D 44 2.32 -30.94 5.18
CA VAL D 44 3.53 -30.40 4.56
C VAL D 44 4.67 -30.29 5.58
N LEU D 45 4.32 -29.93 6.82
CA LEU D 45 5.30 -29.91 7.92
C LEU D 45 5.93 -31.27 8.14
N LYS D 46 5.13 -32.32 8.32
CA LYS D 46 5.74 -33.64 8.46
C LYS D 46 6.36 -34.16 7.17
N GLN D 47 6.09 -33.55 6.03
CA GLN D 47 6.87 -33.86 4.84
C GLN D 47 8.29 -33.29 4.93
N VAL D 48 8.44 -32.07 5.46
CA VAL D 48 9.73 -31.38 5.39
C VAL D 48 10.75 -32.01 6.33
N HIS D 49 10.49 -31.97 7.64
CA HIS D 49 11.37 -32.58 8.64
C HIS D 49 10.54 -33.42 9.62
N PRO D 50 10.78 -34.71 9.73
CA PRO D 50 9.76 -35.64 10.19
C PRO D 50 9.55 -35.73 11.70
N ASP D 51 10.00 -34.74 12.47
CA ASP D 51 9.86 -34.82 13.92
C ASP D 51 9.01 -33.72 14.50
N THR D 52 9.27 -32.48 14.13
CA THR D 52 8.73 -31.32 14.83
C THR D 52 7.25 -31.13 14.52
N GLY D 53 6.46 -30.83 15.55
CA GLY D 53 5.07 -30.44 15.40
C GLY D 53 4.86 -28.96 15.67
N ILE D 54 3.64 -28.51 15.41
CA ILE D 54 3.30 -27.10 15.36
C ILE D 54 2.24 -26.80 16.41
N SER D 55 2.47 -25.75 17.20
CA SER D 55 1.46 -25.32 18.16
C SER D 55 0.39 -24.52 17.46
N SER D 56 -0.80 -24.46 18.07
CA SER D 56 -2.01 -24.04 17.36
C SER D 56 -1.97 -22.57 16.93
N LYS D 57 -1.18 -21.75 17.61
CA LYS D 57 -1.03 -20.39 17.11
C LYS D 57 -0.16 -20.36 15.86
N ALA D 58 0.69 -21.34 15.64
CA ALA D 58 1.38 -21.37 14.36
C ALA D 58 0.51 -21.96 13.25
N MET D 59 -0.45 -22.84 13.59
CA MET D 59 -1.51 -23.17 12.63
C MET D 59 -2.29 -21.94 12.23
N SER D 60 -2.55 -21.04 13.18
CA SER D 60 -3.30 -19.83 12.87
C SER D 60 -2.49 -18.88 12.01
N ILE D 61 -1.19 -18.74 12.29
CA ILE D 61 -0.35 -17.91 11.43
C ILE D 61 -0.23 -18.51 10.04
N MET D 62 -0.13 -19.84 9.93
CA MET D 62 0.02 -20.40 8.59
C MET D 62 -1.27 -20.39 7.79
N ASN D 63 -2.44 -20.52 8.42
CA ASN D 63 -3.64 -20.45 7.59
C ASN D 63 -3.95 -19.00 7.20
N SER D 64 -3.65 -18.03 8.09
CA SER D 64 -3.74 -16.63 7.66
C SER D 64 -2.69 -16.27 6.61
N PHE D 65 -1.52 -16.90 6.65
CA PHE D 65 -0.49 -16.63 5.65
C PHE D 65 -0.88 -17.16 4.28
N VAL D 66 -1.38 -18.40 4.21
CA VAL D 66 -1.75 -18.90 2.90
C VAL D 66 -3.00 -18.21 2.38
N ASN D 67 -3.87 -17.72 3.28
CA ASN D 67 -4.97 -16.88 2.82
C ASN D 67 -4.46 -15.55 2.27
N ASP D 68 -3.42 -14.98 2.86
CA ASP D 68 -2.99 -13.66 2.41
C ASP D 68 -2.20 -13.75 1.11
N VAL D 69 -1.35 -14.77 0.96
CA VAL D 69 -0.63 -14.95 -0.30
C VAL D 69 -1.58 -15.35 -1.42
N PHE D 70 -2.58 -16.18 -1.11
CA PHE D 70 -3.58 -16.54 -2.11
C PHE D 70 -4.42 -15.33 -2.52
N GLU D 71 -4.71 -14.43 -1.58
CA GLU D 71 -5.45 -13.23 -1.94
C GLU D 71 -4.62 -12.31 -2.82
N ARG D 72 -3.31 -12.18 -2.55
CA ARG D 72 -2.47 -11.31 -3.38
C ARG D 72 -2.35 -11.86 -4.80
N ILE D 73 -2.11 -13.17 -4.93
CA ILE D 73 -1.91 -13.73 -6.27
C ILE D 73 -3.22 -13.77 -7.06
N ALA D 74 -4.35 -14.02 -6.41
CA ALA D 74 -5.60 -13.96 -7.15
C ALA D 74 -6.04 -12.54 -7.46
N GLY D 75 -5.69 -11.57 -6.61
CA GLY D 75 -6.03 -10.19 -6.92
C GLY D 75 -5.23 -9.66 -8.09
N GLU D 76 -3.94 -10.01 -8.14
CA GLU D 76 -3.14 -9.66 -9.30
C GLU D 76 -3.59 -10.43 -10.54
N ALA D 77 -4.14 -11.63 -10.33
CA ALA D 77 -4.68 -12.40 -11.44
C ALA D 77 -5.86 -11.69 -12.09
N SER D 78 -6.81 -11.24 -11.27
CA SER D 78 -7.98 -10.56 -11.81
C SER D 78 -7.60 -9.20 -12.38
N ARG D 79 -6.63 -8.51 -11.80
CA ARG D 79 -6.24 -7.23 -12.39
C ARG D 79 -5.51 -7.39 -13.72
N LEU D 80 -4.70 -8.43 -13.90
CA LEU D 80 -4.10 -8.63 -15.22
C LEU D 80 -5.13 -9.03 -16.27
N ALA D 81 -6.01 -9.98 -15.94
CA ALA D 81 -7.03 -10.36 -16.92
C ALA D 81 -8.02 -9.23 -17.18
N HIS D 82 -8.11 -8.26 -16.27
CA HIS D 82 -8.93 -7.08 -16.48
C HIS D 82 -8.23 -6.04 -17.36
N TYR D 83 -6.92 -5.83 -17.15
CA TYR D 83 -6.20 -4.84 -17.94
C TYR D 83 -6.01 -5.30 -19.36
N ASN D 84 -5.87 -6.60 -19.57
CA ASN D 84 -5.51 -7.12 -20.87
C ASN D 84 -6.74 -7.38 -21.74
N LYS D 85 -7.92 -6.93 -21.30
CA LYS D 85 -9.19 -7.00 -22.04
C LYS D 85 -9.61 -8.44 -22.32
N ARG D 86 -9.23 -9.37 -21.47
CA ARG D 86 -9.70 -10.74 -21.53
C ARG D 86 -10.69 -10.96 -20.40
N SER D 87 -11.18 -12.19 -20.28
CA SER D 87 -12.08 -12.49 -19.16
C SER D 87 -11.83 -13.88 -18.60
N THR D 88 -10.59 -14.37 -18.65
CA THR D 88 -10.33 -15.70 -18.14
C THR D 88 -8.94 -15.74 -17.51
N ILE D 89 -8.82 -16.55 -16.46
CA ILE D 89 -7.56 -16.73 -15.76
C ILE D 89 -7.02 -18.11 -16.12
N THR D 90 -5.86 -18.14 -16.75
CA THR D 90 -5.27 -19.42 -17.10
C THR D 90 -3.86 -19.52 -16.54
N SER D 91 -3.12 -20.56 -16.93
CA SER D 91 -1.84 -20.87 -16.27
C SER D 91 -0.79 -19.81 -16.53
N ARG D 92 -0.77 -19.27 -17.75
CA ARG D 92 0.17 -18.21 -18.11
C ARG D 92 -0.03 -16.99 -17.24
N GLU D 93 -1.26 -16.71 -16.88
CA GLU D 93 -1.52 -15.49 -16.15
C GLU D 93 -1.18 -15.64 -14.67
N ILE D 94 -1.39 -16.82 -14.08
CA ILE D 94 -0.94 -17.01 -12.71
C ILE D 94 0.58 -17.04 -12.65
N GLN D 95 1.25 -17.54 -13.71
CA GLN D 95 2.71 -17.46 -13.75
C GLN D 95 3.21 -16.02 -13.87
N THR D 96 2.49 -15.17 -14.61
CA THR D 96 2.87 -13.75 -14.65
C THR D 96 2.63 -13.08 -13.31
N ALA D 97 1.56 -13.45 -12.61
CA ALA D 97 1.31 -12.90 -11.28
C ALA D 97 2.39 -13.31 -10.29
N VAL D 98 2.86 -14.56 -10.36
CA VAL D 98 3.90 -15.03 -9.45
C VAL D 98 5.23 -14.34 -9.78
N ARG D 99 5.59 -14.28 -11.06
CA ARG D 99 6.82 -13.65 -11.49
C ARG D 99 6.86 -12.16 -11.20
N LEU D 100 5.70 -11.51 -11.12
CA LEU D 100 5.68 -10.15 -10.61
C LEU D 100 5.87 -10.10 -9.10
N LEU D 101 5.06 -10.85 -8.34
CA LEU D 101 4.89 -10.56 -6.91
C LEU D 101 6.12 -10.92 -6.09
N LEU D 102 6.67 -12.10 -6.28
CA LEU D 102 7.70 -12.60 -5.38
C LEU D 102 9.04 -11.93 -5.69
N PRO D 103 9.95 -11.87 -4.71
CA PRO D 103 11.27 -11.25 -4.96
C PRO D 103 12.19 -12.06 -5.84
N GLY D 104 13.46 -11.64 -5.89
CA GLY D 104 14.47 -12.06 -6.86
C GLY D 104 14.63 -13.52 -7.25
N GLU D 105 15.03 -14.40 -6.33
CA GLU D 105 15.21 -15.81 -6.67
C GLU D 105 14.00 -16.65 -6.31
N LEU D 106 13.25 -16.19 -5.30
CA LEU D 106 12.08 -16.90 -4.82
C LEU D 106 11.04 -17.05 -5.93
N ALA D 107 10.91 -16.01 -6.77
CA ALA D 107 10.02 -16.11 -7.92
C ALA D 107 10.53 -17.13 -8.93
N LYS D 108 11.84 -17.22 -9.13
CA LYS D 108 12.39 -18.14 -10.11
C LYS D 108 12.14 -19.59 -9.72
N HIS D 109 12.38 -19.92 -8.47
CA HIS D 109 12.17 -21.32 -8.12
C HIS D 109 10.70 -21.63 -7.86
N ALA D 110 9.89 -20.64 -7.45
CA ALA D 110 8.45 -20.89 -7.31
C ALA D 110 7.80 -21.12 -8.67
N VAL D 111 8.19 -20.35 -9.69
CA VAL D 111 7.69 -20.60 -11.04
C VAL D 111 8.17 -21.94 -11.57
N SER D 112 9.39 -22.38 -11.24
CA SER D 112 9.78 -23.71 -11.69
C SER D 112 9.00 -24.83 -10.99
N GLU D 113 8.61 -24.62 -9.72
CA GLU D 113 7.72 -25.58 -9.08
C GLU D 113 6.35 -25.62 -9.73
N GLY D 114 5.81 -24.45 -10.09
CA GLY D 114 4.53 -24.42 -10.76
C GLY D 114 4.56 -25.10 -12.11
N THR D 115 5.62 -24.86 -12.89
CA THR D 115 5.69 -25.45 -14.22
C THR D 115 5.87 -26.95 -14.16
N LYS D 116 6.64 -27.47 -13.21
CA LYS D 116 6.74 -28.93 -13.15
C LYS D 116 5.48 -29.58 -12.57
N ALA D 117 4.79 -28.93 -11.63
CA ALA D 117 3.53 -29.49 -11.14
C ALA D 117 2.44 -29.52 -12.22
N VAL D 118 2.36 -28.47 -13.04
CA VAL D 118 1.37 -28.44 -14.11
C VAL D 118 1.72 -29.41 -15.24
N THR D 119 3.00 -29.54 -15.58
CA THR D 119 3.37 -30.51 -16.60
C THR D 119 3.15 -31.94 -16.15
N LYS D 120 3.32 -32.24 -14.86
CA LYS D 120 3.00 -33.61 -14.44
C LYS D 120 1.49 -33.84 -14.32
N TYR D 121 0.72 -32.80 -13.98
CA TYR D 121 -0.74 -32.91 -13.98
C TYR D 121 -1.28 -33.23 -15.36
N THR D 122 -0.74 -32.60 -16.40
CA THR D 122 -1.14 -32.93 -17.76
C THR D 122 -0.36 -34.14 -18.32
N SER D 123 0.63 -34.64 -17.60
CA SER D 123 1.19 -35.97 -17.89
C SER D 123 0.31 -37.10 -17.37
N ALA D 124 -0.55 -36.82 -16.41
CA ALA D 124 -1.74 -37.62 -16.19
C ALA D 124 -2.91 -36.85 -16.80
N LYS D 125 -4.14 -37.24 -16.49
CA LYS D 125 -5.23 -36.28 -16.67
C LYS D 125 -6.30 -36.41 -15.60
N TRP E 47 19.89 0.43 30.39
CA TRP E 47 20.87 -0.58 30.75
C TRP E 47 20.92 -1.56 29.57
N LEU E 48 21.34 -2.78 29.80
CA LEU E 48 21.60 -3.82 28.81
C LEU E 48 20.93 -5.13 29.12
N LYS E 49 20.85 -5.51 30.40
CA LYS E 49 20.20 -6.77 30.73
C LYS E 49 18.71 -6.70 30.49
N GLU E 50 18.06 -5.56 30.72
CA GLU E 50 16.66 -5.50 30.35
C GLU E 50 16.49 -5.37 28.84
N ILE E 51 17.51 -4.91 28.11
CA ILE E 51 17.44 -4.93 26.64
C ILE E 51 17.38 -6.36 26.14
N ARG E 52 18.29 -7.22 26.59
CA ARG E 52 18.22 -8.57 26.09
C ARG E 52 17.08 -9.38 26.72
N LYS E 53 16.60 -8.99 27.91
CA LYS E 53 15.44 -9.67 28.47
C LYS E 53 14.16 -9.30 27.73
N LEU E 54 14.00 -8.03 27.34
CA LEU E 54 12.82 -7.65 26.58
C LEU E 54 12.96 -7.93 25.10
N GLN E 55 14.14 -8.26 24.61
CA GLN E 55 14.21 -8.75 23.24
C GLN E 55 14.14 -10.26 23.17
N LYS E 56 14.31 -10.97 24.29
CA LYS E 56 14.04 -12.40 24.25
C LYS E 56 12.56 -12.71 24.47
N SER E 57 11.86 -11.88 25.24
CA SER E 57 10.51 -12.22 25.66
C SER E 57 9.50 -12.04 24.53
N THR E 58 8.48 -12.88 24.52
CA THR E 58 7.41 -12.82 23.52
C THR E 58 6.16 -12.14 24.06
N HIS E 59 6.26 -11.44 25.18
CA HIS E 59 5.08 -11.04 25.95
C HIS E 59 4.35 -9.86 25.33
N LEU E 60 3.42 -9.34 26.11
CA LEU E 60 2.67 -8.14 25.81
C LEU E 60 3.02 -7.16 26.91
N LEU E 61 3.50 -5.98 26.51
CA LEU E 61 4.27 -5.12 27.40
C LEU E 61 3.49 -4.01 28.07
N ILE E 62 2.26 -3.75 27.64
CA ILE E 62 1.36 -2.89 28.38
C ILE E 62 0.22 -3.77 28.87
N ARG E 63 -0.11 -3.65 30.15
CA ARG E 63 -1.02 -4.59 30.76
C ARG E 63 -2.44 -4.34 30.27
N LYS E 64 -3.25 -5.39 30.30
CA LYS E 64 -4.39 -5.50 29.39
C LYS E 64 -5.52 -4.55 29.77
N LEU E 65 -5.82 -4.42 31.06
CA LEU E 65 -7.01 -3.70 31.47
C LEU E 65 -6.97 -2.17 31.26
N PRO E 66 -5.85 -1.45 31.48
CA PRO E 66 -5.87 -0.03 31.09
C PRO E 66 -5.93 0.19 29.59
N PHE E 67 -5.39 -0.73 28.80
CA PHE E 67 -5.57 -0.61 27.36
C PHE E 67 -7.03 -0.84 26.98
N SER E 68 -7.71 -1.73 27.70
CA SER E 68 -9.11 -1.97 27.39
C SER E 68 -9.96 -0.76 27.74
N ARG E 69 -9.65 -0.10 28.86
CA ARG E 69 -10.37 1.13 29.19
C ARG E 69 -10.14 2.21 28.16
N LEU E 70 -8.89 2.30 27.65
CA LEU E 70 -8.58 3.27 26.60
C LEU E 70 -9.35 3.00 25.31
N ALA E 71 -9.34 1.74 24.86
CA ALA E 71 -10.01 1.42 23.59
C ALA E 71 -11.50 1.60 23.70
N ARG E 72 -12.09 1.26 24.84
CA ARG E 72 -13.53 1.44 24.97
C ARG E 72 -13.92 2.91 25.07
N GLU E 73 -13.07 3.75 25.68
CA GLU E 73 -13.38 5.17 25.70
C GLU E 73 -13.31 5.78 24.30
N ILE E 74 -12.33 5.35 23.50
CA ILE E 74 -12.23 5.92 22.16
C ILE E 74 -13.34 5.40 21.25
N CYS E 75 -13.86 4.19 21.46
CA CYS E 75 -15.01 3.79 20.64
C CYS E 75 -16.31 4.38 21.14
N VAL E 76 -16.40 4.83 22.39
CA VAL E 76 -17.59 5.58 22.80
C VAL E 76 -17.53 7.00 22.23
N LYS E 77 -16.33 7.53 21.95
CA LYS E 77 -16.24 8.84 21.27
C LYS E 77 -16.87 8.83 19.88
N PHE E 78 -16.82 7.71 19.19
CA PHE E 78 -17.48 7.52 17.90
C PHE E 78 -18.87 6.94 18.14
N THR E 79 -19.44 6.29 17.11
CA THR E 79 -20.64 5.44 17.19
C THR E 79 -21.86 6.22 17.60
N ARG E 80 -21.91 7.50 17.23
CA ARG E 80 -23.03 8.42 17.50
C ARG E 80 -23.30 8.57 18.99
N GLY E 81 -22.29 8.33 19.83
CA GLY E 81 -22.38 8.47 21.27
C GLY E 81 -22.61 7.18 22.02
N VAL E 82 -23.37 6.24 21.46
CA VAL E 82 -23.76 5.04 22.19
C VAL E 82 -22.65 4.00 22.14
N ASP E 83 -22.67 3.09 23.11
CA ASP E 83 -21.52 2.22 23.35
C ASP E 83 -21.64 0.87 22.63
N PHE E 84 -20.49 0.22 22.47
CA PHE E 84 -20.36 -1.14 21.96
C PHE E 84 -19.77 -2.06 23.02
N ASN E 85 -19.64 -3.33 22.65
CA ASN E 85 -18.90 -4.30 23.43
C ASN E 85 -17.96 -5.08 22.52
N TRP E 86 -16.77 -5.35 23.02
CA TRP E 86 -15.70 -5.94 22.22
C TRP E 86 -15.66 -7.45 22.40
N GLN E 87 -15.26 -8.15 21.35
CA GLN E 87 -14.99 -9.57 21.53
C GLN E 87 -13.69 -9.70 22.31
N ALA E 88 -13.53 -10.84 23.00
CA ALA E 88 -12.48 -11.01 24.01
C ALA E 88 -11.09 -10.90 23.44
N GLN E 89 -10.89 -11.30 22.19
CA GLN E 89 -9.59 -11.15 21.56
C GLN E 89 -9.55 -10.02 20.56
N ALA E 90 -10.60 -9.20 20.46
CA ALA E 90 -10.49 -8.01 19.64
C ALA E 90 -9.54 -7.00 20.27
N LEU E 91 -9.62 -6.84 21.59
CA LEU E 91 -8.66 -5.98 22.28
C LEU E 91 -7.27 -6.60 22.28
N LEU E 92 -7.16 -7.92 22.22
CA LEU E 92 -5.85 -8.54 22.11
C LEU E 92 -5.23 -8.27 20.74
N ALA E 93 -6.05 -8.34 19.68
CA ALA E 93 -5.58 -7.97 18.35
C ALA E 93 -5.17 -6.51 18.30
N LEU E 94 -5.98 -5.66 18.94
CA LEU E 94 -5.72 -4.24 18.92
C LEU E 94 -4.43 -3.89 19.66
N GLN E 95 -4.19 -4.51 20.81
CA GLN E 95 -3.00 -4.10 21.53
C GLN E 95 -1.75 -4.83 21.07
N GLU E 96 -1.86 -5.95 20.37
CA GLU E 96 -0.67 -6.44 19.67
C GLU E 96 -0.28 -5.52 18.53
N ALA E 97 -1.27 -4.99 17.80
CA ALA E 97 -0.92 -4.04 16.74
C ALA E 97 -0.37 -2.73 17.30
N ALA E 98 -0.93 -2.24 18.41
CA ALA E 98 -0.44 -1.00 19.01
C ALA E 98 0.96 -1.16 19.59
N GLU E 99 1.23 -2.32 20.21
CA GLU E 99 2.56 -2.58 20.72
C GLU E 99 3.60 -2.72 19.61
N ALA E 100 3.25 -3.38 18.50
CA ALA E 100 4.22 -3.49 17.42
C ALA E 100 4.45 -2.16 16.72
N PHE E 101 3.42 -1.31 16.66
CA PHE E 101 3.61 0.01 16.07
C PHE E 101 4.49 0.91 16.94
N LEU E 102 4.28 0.90 18.27
CA LEU E 102 5.17 1.69 19.12
C LEU E 102 6.60 1.17 19.13
N VAL E 103 6.80 -0.15 19.03
CA VAL E 103 8.17 -0.66 18.99
C VAL E 103 8.88 -0.24 17.71
N HIS E 104 8.20 -0.35 16.55
CA HIS E 104 8.84 0.09 15.31
C HIS E 104 9.06 1.59 15.25
N LEU E 105 8.15 2.38 15.83
CA LEU E 105 8.33 3.82 15.86
C LEU E 105 9.54 4.22 16.70
N PHE E 106 9.68 3.63 17.89
CA PHE E 106 10.83 3.99 18.72
C PHE E 106 12.13 3.47 18.16
N GLU E 107 12.11 2.33 17.47
CA GLU E 107 13.35 1.84 16.90
C GLU E 107 13.80 2.71 15.72
N ASP E 108 12.86 3.21 14.91
CA ASP E 108 13.27 4.11 13.83
C ASP E 108 13.69 5.48 14.36
N ALA E 109 13.05 5.97 15.42
CA ALA E 109 13.50 7.22 16.02
C ALA E 109 14.87 7.07 16.69
N TYR E 110 15.20 5.90 17.22
CA TYR E 110 16.52 5.75 17.79
C TYR E 110 17.59 5.60 16.73
N LEU E 111 17.23 5.03 15.57
CA LEU E 111 18.11 5.14 14.39
C LEU E 111 18.43 6.58 14.08
N LEU E 112 17.41 7.45 14.12
CA LEU E 112 17.66 8.88 13.91
C LEU E 112 18.50 9.50 15.00
N THR E 113 18.37 9.03 16.24
CA THR E 113 19.10 9.69 17.32
C THR E 113 20.58 9.37 17.24
N LEU E 114 20.93 8.09 17.11
CA LEU E 114 22.37 7.88 16.92
C LEU E 114 22.85 8.16 15.51
N HIS E 115 21.97 8.58 14.60
CA HIS E 115 22.46 9.37 13.47
C HIS E 115 22.82 10.78 13.90
N ALA E 116 22.00 11.40 14.74
CA ALA E 116 22.16 12.80 15.07
C ALA E 116 23.26 13.07 16.09
N GLY E 117 24.07 12.09 16.43
CA GLY E 117 25.15 12.33 17.37
C GLY E 117 24.71 12.45 18.82
N ARG E 118 23.68 11.73 19.21
CA ARG E 118 23.29 11.69 20.62
C ARG E 118 23.23 10.25 21.09
N VAL E 119 22.72 10.00 22.30
CA VAL E 119 22.53 8.65 22.81
C VAL E 119 21.08 8.53 23.30
N THR E 120 20.47 9.66 23.66
CA THR E 120 19.15 9.67 24.30
C THR E 120 18.01 9.45 23.30
N LEU E 121 16.79 9.81 23.68
CA LEU E 121 15.72 9.91 22.67
C LEU E 121 14.86 11.15 23.00
N PHE E 122 15.26 12.31 22.48
CA PHE E 122 14.41 13.48 22.55
C PHE E 122 13.17 13.31 21.68
N PRO E 123 12.07 14.02 21.99
CA PRO E 123 10.81 13.74 21.28
C PRO E 123 10.80 14.16 19.84
N LYS E 124 11.68 15.07 19.42
CA LYS E 124 11.70 15.44 18.01
C LYS E 124 12.22 14.32 17.13
N ASP E 125 12.88 13.32 17.69
CA ASP E 125 13.21 12.13 16.92
C ASP E 125 11.97 11.32 16.57
N VAL E 126 11.11 11.05 17.55
CA VAL E 126 9.84 10.38 17.27
C VAL E 126 8.99 11.19 16.32
N GLN E 127 8.90 12.51 16.55
CA GLN E 127 8.07 13.37 15.71
C GLN E 127 8.58 13.45 14.27
N LEU E 128 9.90 13.57 14.08
CA LEU E 128 10.41 13.70 12.72
C LEU E 128 10.49 12.35 12.00
N ALA E 129 10.76 11.26 12.72
CA ALA E 129 10.70 9.96 12.09
C ALA E 129 9.28 9.57 11.74
N ARG E 130 8.30 10.07 12.48
CA ARG E 130 6.92 9.86 12.08
C ARG E 130 6.56 10.72 10.89
N ARG E 131 7.19 11.88 10.75
CA ARG E 131 6.90 12.73 9.60
C ARG E 131 7.59 12.26 8.32
N ILE E 132 8.69 11.52 8.42
CA ILE E 132 9.38 11.05 7.21
C ILE E 132 8.81 9.75 6.64
N ARG E 133 8.23 8.88 7.47
CA ARG E 133 7.79 7.59 6.95
C ARG E 133 6.52 7.71 6.10
N GLY E 134 5.89 8.86 6.05
CA GLY E 134 4.88 9.11 5.04
C GLY E 134 3.48 8.84 5.52
N LEU E 135 3.16 9.36 6.70
CA LEU E 135 1.91 9.02 7.36
C LEU E 135 1.10 10.27 7.70
N ASN F 26 -7.92 8.63 31.26
CA ASN F 26 -7.61 7.21 31.14
C ASN F 26 -6.62 6.88 30.02
N ILE F 27 -6.17 7.92 29.31
CA ILE F 27 -4.98 7.80 28.47
C ILE F 27 -3.73 7.82 29.33
N GLN F 28 -3.81 8.42 30.52
CA GLN F 28 -2.75 8.38 31.50
C GLN F 28 -2.56 6.97 32.09
N GLY F 29 -3.50 6.07 31.86
CA GLY F 29 -3.45 4.77 32.51
C GLY F 29 -2.36 3.86 32.01
N ILE F 30 -2.02 3.95 30.73
CA ILE F 30 -0.87 3.19 30.21
C ILE F 30 0.40 3.79 30.81
N THR F 31 1.02 3.04 31.71
CA THR F 31 1.88 3.61 32.72
C THR F 31 3.21 4.08 32.13
N LYS F 32 3.95 4.83 32.93
CA LYS F 32 5.21 5.38 32.45
C LYS F 32 6.30 4.32 32.29
N PRO F 33 6.56 3.41 33.25
CA PRO F 33 7.54 2.36 32.94
C PRO F 33 7.06 1.31 31.95
N ALA F 34 5.78 1.23 31.61
CA ALA F 34 5.39 0.38 30.49
C ALA F 34 5.83 0.98 29.17
N ILE F 35 5.73 2.31 29.04
CA ILE F 35 6.31 3.00 27.90
C ILE F 35 7.82 2.86 27.89
N ARG F 36 8.44 2.82 29.06
CA ARG F 36 9.87 2.57 29.13
C ARG F 36 10.23 1.17 28.63
N ARG F 37 9.42 0.15 28.98
CA ARG F 37 9.72 -1.19 28.49
C ARG F 37 9.40 -1.35 27.00
N LEU F 38 8.39 -0.66 26.49
CA LEU F 38 8.17 -0.60 25.05
C LEU F 38 9.34 0.05 24.32
N ALA F 39 9.99 1.01 24.96
CA ALA F 39 11.19 1.57 24.36
C ALA F 39 12.32 0.55 24.39
N ARG F 40 12.58 -0.04 25.54
CA ARG F 40 13.75 -0.91 25.68
C ARG F 40 13.61 -2.22 24.94
N ARG F 41 12.42 -2.58 24.46
CA ARG F 41 12.39 -3.65 23.46
C ARG F 41 13.06 -3.21 22.16
N GLY F 42 12.84 -1.96 21.75
CA GLY F 42 13.40 -1.50 20.50
C GLY F 42 14.79 -0.91 20.58
N GLY F 43 15.63 -1.46 21.44
CA GLY F 43 17.04 -1.15 21.39
C GLY F 43 17.49 0.14 22.03
N VAL F 44 16.57 0.93 22.56
CA VAL F 44 16.89 2.26 23.07
C VAL F 44 17.70 2.16 24.36
N LYS F 45 18.59 3.12 24.60
CA LYS F 45 19.29 3.19 25.87
C LYS F 45 18.70 4.25 26.81
N ARG F 46 18.67 5.50 26.40
CA ARG F 46 18.22 6.58 27.27
C ARG F 46 16.96 7.26 26.75
N ILE F 47 16.06 7.54 27.67
CA ILE F 47 14.72 8.04 27.40
C ILE F 47 14.60 9.43 27.98
N SER F 48 14.07 10.37 27.20
CA SER F 48 13.97 11.75 27.66
C SER F 48 12.78 11.91 28.59
N GLY F 49 12.46 13.14 28.94
CA GLY F 49 11.42 13.39 29.89
C GLY F 49 10.13 13.85 29.25
N LEU F 50 10.24 14.57 28.14
CA LEU F 50 9.08 15.04 27.40
C LEU F 50 8.62 14.04 26.36
N ILE F 51 9.24 12.87 26.31
CA ILE F 51 8.85 11.86 25.33
C ILE F 51 7.51 11.20 25.69
N TYR F 52 7.08 11.27 26.96
CA TYR F 52 5.95 10.44 27.37
C TYR F 52 4.63 11.01 26.86
N GLU F 53 4.47 12.32 26.88
CA GLU F 53 3.28 12.91 26.26
C GLU F 53 3.30 12.72 24.76
N GLU F 54 4.47 12.65 24.15
CA GLU F 54 4.55 12.43 22.71
C GLU F 54 4.16 11.01 22.33
N THR F 55 4.59 10.02 23.11
CA THR F 55 4.19 8.66 22.76
C THR F 55 2.75 8.37 23.14
N ARG F 56 2.19 9.03 24.17
CA ARG F 56 0.75 8.93 24.36
C ARG F 56 -0.02 9.58 23.23
N GLY F 57 0.51 10.68 22.67
CA GLY F 57 -0.14 11.29 21.51
C GLY F 57 -0.13 10.40 20.29
N VAL F 58 0.99 9.73 20.01
CA VAL F 58 1.04 8.90 18.81
C VAL F 58 0.23 7.62 19.01
N LEU F 59 0.14 7.11 20.25
CA LEU F 59 -0.75 5.98 20.52
C LEU F 59 -2.20 6.36 20.34
N LYS F 60 -2.58 7.57 20.75
CA LYS F 60 -3.97 7.98 20.63
C LYS F 60 -4.37 8.21 19.18
N VAL F 61 -3.44 8.73 18.37
CA VAL F 61 -3.69 8.87 16.93
C VAL F 61 -3.90 7.51 16.28
N PHE F 62 -3.00 6.56 16.55
CA PHE F 62 -3.09 5.24 15.93
C PHE F 62 -4.36 4.50 16.34
N LEU F 63 -4.66 4.49 17.65
CA LEU F 63 -5.86 3.80 18.12
C LEU F 63 -7.12 4.45 17.60
N GLU F 64 -7.15 5.77 17.49
CA GLU F 64 -8.39 6.40 17.03
C GLU F 64 -8.64 6.12 15.56
N ASN F 65 -7.58 6.05 14.74
CA ASN F 65 -7.80 5.67 13.34
C ASN F 65 -8.22 4.19 13.20
N VAL F 66 -7.56 3.29 13.92
CA VAL F 66 -7.89 1.89 13.67
C VAL F 66 -9.23 1.51 14.27
N ILE F 67 -9.66 2.10 15.39
CA ILE F 67 -11.01 1.74 15.81
C ILE F 67 -12.04 2.56 15.05
N ARG F 68 -11.68 3.67 14.38
CA ARG F 68 -12.62 4.28 13.44
C ARG F 68 -12.97 3.33 12.32
N ASP F 69 -11.96 2.66 11.76
CA ASP F 69 -12.29 1.73 10.68
C ASP F 69 -12.96 0.46 11.21
N ALA F 70 -12.59 -0.01 12.40
CA ALA F 70 -13.27 -1.18 12.98
C ALA F 70 -14.73 -0.90 13.28
N VAL F 71 -15.03 0.26 13.85
CA VAL F 71 -16.41 0.68 14.09
C VAL F 71 -17.18 0.85 12.78
N THR F 72 -16.52 1.33 11.72
CA THR F 72 -17.21 1.50 10.44
C THR F 72 -17.65 0.15 9.84
N TYR F 73 -16.75 -0.84 9.86
CA TYR F 73 -17.12 -2.19 9.44
C TYR F 73 -18.24 -2.78 10.29
N THR F 74 -18.13 -2.67 11.61
CA THR F 74 -19.10 -3.30 12.49
C THR F 74 -20.47 -2.65 12.38
N GLU F 75 -20.56 -1.32 12.50
CA GLU F 75 -21.85 -0.66 12.34
C GLU F 75 -22.34 -0.69 10.90
N HIS F 76 -21.52 -1.09 9.94
CA HIS F 76 -22.09 -1.53 8.67
C HIS F 76 -22.83 -2.83 8.84
N ALA F 77 -22.23 -3.81 9.49
CA ALA F 77 -22.82 -5.15 9.42
C ALA F 77 -24.01 -5.35 10.36
N LYS F 78 -24.56 -4.29 10.95
CA LYS F 78 -25.70 -4.32 11.87
C LYS F 78 -25.44 -5.24 13.05
N ARG F 79 -24.35 -4.96 13.75
CA ARG F 79 -23.88 -5.84 14.80
C ARG F 79 -23.28 -4.96 15.88
N LYS F 80 -23.13 -5.50 17.09
CA LYS F 80 -22.62 -4.68 18.18
C LYS F 80 -21.39 -5.24 18.87
N THR F 81 -21.20 -6.54 18.95
CA THR F 81 -19.92 -7.05 19.43
C THR F 81 -18.91 -6.88 18.33
N VAL F 82 -17.98 -5.95 18.50
CA VAL F 82 -16.93 -5.74 17.52
C VAL F 82 -16.00 -6.95 17.56
N THR F 83 -15.98 -7.70 16.47
CA THR F 83 -15.28 -8.98 16.42
C THR F 83 -13.87 -8.77 15.90
N ALA F 84 -12.97 -9.66 16.35
CA ALA F 84 -11.54 -9.50 16.06
C ALA F 84 -11.22 -9.67 14.59
N MET F 85 -12.09 -10.34 13.83
CA MET F 85 -11.92 -10.36 12.39
C MET F 85 -12.13 -8.98 11.79
N ASP F 86 -12.95 -8.12 12.42
CA ASP F 86 -13.11 -6.76 11.90
C ASP F 86 -11.90 -5.88 12.23
N VAL F 87 -11.28 -6.06 13.39
CA VAL F 87 -10.08 -5.30 13.67
C VAL F 87 -8.91 -5.78 12.82
N VAL F 88 -8.87 -7.08 12.50
CA VAL F 88 -7.90 -7.57 11.51
C VAL F 88 -8.17 -6.94 10.13
N TYR F 89 -9.42 -6.70 9.77
CA TYR F 89 -9.68 -6.05 8.48
C TYR F 89 -9.31 -4.57 8.51
N ALA F 90 -9.56 -3.89 9.62
CA ALA F 90 -9.16 -2.49 9.75
C ALA F 90 -7.65 -2.32 9.85
N LEU F 91 -6.93 -3.35 10.28
CA LEU F 91 -5.48 -3.37 10.14
C LEU F 91 -5.05 -3.77 8.74
N LYS F 92 -5.88 -4.55 8.06
CA LYS F 92 -5.53 -5.06 6.74
C LYS F 92 -5.53 -3.95 5.71
N ARG F 93 -6.46 -3.00 5.83
CA ARG F 93 -6.56 -2.02 4.77
C ARG F 93 -5.50 -0.93 4.85
N GLN F 94 -4.85 -0.77 6.00
CA GLN F 94 -3.75 0.19 6.11
C GLN F 94 -2.40 -0.41 5.76
N GLY F 95 -2.37 -1.61 5.21
CA GLY F 95 -1.15 -2.28 4.87
C GLY F 95 -0.52 -3.06 6.01
N ARG F 96 -0.77 -2.66 7.25
CA ARG F 96 0.02 -3.16 8.37
C ARG F 96 -0.60 -4.40 9.02
N THR F 97 -1.15 -5.29 8.19
CA THR F 97 -2.00 -6.40 8.61
C THR F 97 -1.37 -7.29 9.66
N LEU F 98 -2.23 -7.88 10.46
CA LEU F 98 -1.87 -8.71 11.59
C LEU F 98 -2.12 -10.15 11.19
N TYR F 99 -1.20 -11.03 11.58
CA TYR F 99 -1.42 -12.45 11.38
C TYR F 99 -1.86 -13.11 12.67
N GLY F 100 -2.24 -14.36 12.57
CA GLY F 100 -2.54 -15.14 13.73
C GLY F 100 -3.97 -15.07 14.22
N PHE F 101 -4.75 -14.11 13.75
CA PHE F 101 -6.12 -13.95 14.25
C PHE F 101 -7.18 -14.15 13.18
N GLY F 102 -6.80 -14.64 12.00
CA GLY F 102 -7.78 -15.11 11.04
C GLY F 102 -8.21 -14.15 9.96
N GLY F 103 -7.24 -13.55 9.26
CA GLY F 103 -7.55 -12.63 8.19
C GLY F 103 -8.01 -13.26 6.89
N ALA G 14 -37.00 13.87 -19.55
CA ALA G 14 -36.09 13.39 -18.52
C ALA G 14 -35.98 11.88 -18.60
N LYS G 15 -35.69 11.36 -19.79
CA LYS G 15 -35.63 9.91 -19.94
C LYS G 15 -34.36 9.34 -19.35
N THR G 16 -33.23 10.01 -19.55
CA THR G 16 -31.96 9.48 -19.04
C THR G 16 -31.87 9.71 -17.55
N ARG G 17 -31.21 8.78 -16.85
CA ARG G 17 -31.23 8.79 -15.40
C ARG G 17 -30.37 9.89 -14.80
N SER G 18 -29.39 10.41 -15.56
CA SER G 18 -28.58 11.54 -15.11
C SER G 18 -29.45 12.72 -14.73
N SER G 19 -30.17 13.27 -15.71
CA SER G 19 -31.14 14.31 -15.35
C SER G 19 -32.40 13.75 -14.69
N ARG G 20 -32.48 12.46 -14.40
CA ARG G 20 -33.48 12.07 -13.42
C ARG G 20 -32.91 12.21 -12.02
N ALA G 21 -31.66 11.81 -11.84
CA ALA G 21 -31.10 11.78 -10.49
C ALA G 21 -30.64 13.15 -10.01
N GLY G 22 -30.66 14.15 -10.87
CA GLY G 22 -30.17 15.46 -10.48
C GLY G 22 -28.66 15.43 -10.33
N LEU G 23 -27.96 15.09 -11.41
CA LEU G 23 -26.51 15.02 -11.37
C LEU G 23 -25.96 15.64 -12.64
N GLN G 24 -24.65 15.42 -12.84
CA GLN G 24 -23.98 15.78 -14.07
C GLN G 24 -23.10 14.69 -14.63
N PHE G 25 -22.67 13.72 -13.82
CA PHE G 25 -21.90 12.60 -14.33
C PHE G 25 -22.84 11.59 -14.98
N PRO G 26 -22.32 10.63 -15.74
CA PRO G 26 -23.20 9.59 -16.25
C PRO G 26 -23.39 8.51 -15.20
N VAL G 27 -24.59 7.94 -15.19
CA VAL G 27 -24.86 6.81 -14.33
C VAL G 27 -24.97 5.53 -15.13
N GLY G 28 -25.25 5.60 -16.43
CA GLY G 28 -25.20 4.39 -17.24
C GLY G 28 -23.80 3.84 -17.36
N ARG G 29 -22.82 4.72 -17.47
CA ARG G 29 -21.44 4.27 -17.66
C ARG G 29 -20.89 3.64 -16.38
N VAL G 30 -21.18 4.22 -15.21
CA VAL G 30 -20.71 3.57 -13.99
C VAL G 30 -21.55 2.34 -13.66
N HIS G 31 -22.80 2.24 -14.12
CA HIS G 31 -23.51 0.98 -13.95
C HIS G 31 -22.93 -0.11 -14.82
N ARG G 32 -22.51 0.26 -16.04
CA ARG G 32 -21.86 -0.70 -16.93
C ARG G 32 -20.51 -1.13 -16.35
N LEU G 33 -19.81 -0.21 -15.70
CA LEU G 33 -18.54 -0.61 -15.09
C LEU G 33 -18.74 -1.44 -13.83
N LEU G 34 -19.78 -1.17 -13.05
CA LEU G 34 -20.03 -2.01 -11.89
C LEU G 34 -20.58 -3.37 -12.27
N ARG G 35 -21.16 -3.53 -13.45
CA ARG G 35 -21.53 -4.87 -13.88
C ARG G 35 -20.34 -5.61 -14.48
N LYS G 36 -19.68 -5.01 -15.47
CA LYS G 36 -18.65 -5.71 -16.23
C LYS G 36 -17.28 -5.70 -15.57
N GLY G 37 -17.11 -5.06 -14.42
CA GLY G 37 -15.79 -5.02 -13.85
C GLY G 37 -15.60 -5.98 -12.70
N ASN G 38 -16.33 -7.10 -12.76
CA ASN G 38 -16.40 -8.24 -11.83
C ASN G 38 -16.22 -7.89 -10.35
N TYR G 39 -16.93 -6.86 -9.90
CA TYR G 39 -16.88 -6.50 -8.50
C TYR G 39 -17.82 -7.38 -7.68
N ALA G 40 -19.09 -7.47 -8.09
CA ALA G 40 -20.00 -8.47 -7.57
C ALA G 40 -21.00 -8.78 -8.66
N GLU G 41 -21.87 -9.76 -8.40
CA GLU G 41 -22.87 -10.08 -9.40
C GLU G 41 -23.98 -9.03 -9.42
N ARG G 42 -24.67 -8.86 -8.31
CA ARG G 42 -25.91 -8.11 -8.30
C ARG G 42 -25.61 -6.70 -7.80
N VAL G 43 -25.58 -5.76 -8.74
CA VAL G 43 -25.38 -4.34 -8.45
C VAL G 43 -26.74 -3.69 -8.34
N GLY G 44 -27.07 -3.18 -7.16
CA GLY G 44 -28.39 -2.66 -6.92
C GLY G 44 -28.67 -1.37 -7.68
N ALA G 45 -29.90 -0.89 -7.53
CA ALA G 45 -30.36 0.24 -8.32
C ALA G 45 -29.72 1.54 -7.86
N GLY G 46 -29.77 1.83 -6.57
CA GLY G 46 -29.26 3.09 -6.07
C GLY G 46 -27.75 3.22 -5.99
N ALA G 47 -27.01 2.15 -6.23
CA ALA G 47 -25.57 2.21 -6.03
C ALA G 47 -24.80 2.95 -7.14
N PRO G 48 -25.08 2.77 -8.44
CA PRO G 48 -24.36 3.63 -9.40
C PRO G 48 -24.77 5.07 -9.33
N VAL G 49 -26.03 5.38 -9.01
CA VAL G 49 -26.45 6.76 -8.81
C VAL G 49 -25.70 7.38 -7.65
N TYR G 50 -25.54 6.63 -6.56
CA TYR G 50 -24.82 7.14 -5.41
C TYR G 50 -23.34 7.33 -5.70
N LEU G 51 -22.75 6.41 -6.46
CA LEU G 51 -21.33 6.52 -6.74
C LEU G 51 -21.04 7.64 -7.73
N ALA G 52 -21.95 7.88 -8.68
CA ALA G 52 -21.82 9.05 -9.54
C ALA G 52 -21.98 10.34 -8.75
N ALA G 53 -22.78 10.31 -7.69
CA ALA G 53 -22.89 11.50 -6.84
C ALA G 53 -21.60 11.76 -6.04
N VAL G 54 -20.95 10.72 -5.52
CA VAL G 54 -19.73 11.01 -4.76
C VAL G 54 -18.60 11.41 -5.71
N LEU G 55 -18.57 10.88 -6.94
CA LEU G 55 -17.58 11.33 -7.91
C LEU G 55 -17.84 12.78 -8.33
N GLU G 56 -19.11 13.16 -8.45
CA GLU G 56 -19.43 14.53 -8.79
C GLU G 56 -19.04 15.49 -7.69
N TYR G 57 -19.19 15.10 -6.43
CA TYR G 57 -18.80 16.02 -5.37
C TYR G 57 -17.29 16.18 -5.28
N LEU G 58 -16.53 15.08 -5.43
CA LEU G 58 -15.08 15.21 -5.39
C LEU G 58 -14.56 16.06 -6.55
N THR G 59 -15.13 15.88 -7.75
CA THR G 59 -14.71 16.66 -8.90
C THR G 59 -15.11 18.12 -8.77
N ALA G 60 -16.30 18.42 -8.25
CA ALA G 60 -16.65 19.83 -8.09
C ALA G 60 -15.84 20.51 -7.00
N GLU G 61 -15.40 19.78 -5.97
CA GLU G 61 -14.57 20.45 -4.96
C GLU G 61 -13.15 20.69 -5.45
N ILE G 62 -12.53 19.69 -6.10
CA ILE G 62 -11.18 19.93 -6.64
C ILE G 62 -11.19 20.96 -7.76
N LEU G 63 -12.31 21.14 -8.46
CA LEU G 63 -12.27 22.15 -9.51
C LEU G 63 -12.67 23.55 -9.05
N GLU G 64 -13.46 23.68 -7.99
CA GLU G 64 -13.53 24.97 -7.32
C GLU G 64 -12.16 25.41 -6.83
N LEU G 65 -11.40 24.50 -6.23
CA LEU G 65 -10.10 24.90 -5.69
C LEU G 65 -9.08 25.22 -6.80
N ALA G 66 -9.00 24.38 -7.83
CA ALA G 66 -8.02 24.64 -8.89
C ALA G 66 -8.43 25.82 -9.74
N GLY G 67 -9.73 26.05 -9.93
CA GLY G 67 -10.14 27.24 -10.64
C GLY G 67 -9.85 28.52 -9.89
N ASN G 68 -9.97 28.49 -8.56
CA ASN G 68 -9.64 29.72 -7.84
C ASN G 68 -8.14 29.96 -7.76
N ALA G 69 -7.32 28.91 -7.68
CA ALA G 69 -5.87 29.12 -7.80
C ALA G 69 -5.50 29.57 -9.20
N ALA G 70 -6.21 29.07 -10.21
CA ALA G 70 -5.94 29.44 -11.60
C ALA G 70 -6.26 30.89 -11.86
N ARG G 71 -7.30 31.46 -11.23
CA ARG G 71 -7.48 32.88 -11.41
C ARG G 71 -6.68 33.69 -10.40
N ASP G 72 -6.07 33.03 -9.41
CA ASP G 72 -5.21 33.83 -8.54
C ASP G 72 -3.85 34.05 -9.19
N ASN G 73 -3.30 33.05 -9.88
CA ASN G 73 -2.06 33.28 -10.63
C ASN G 73 -2.28 33.99 -11.96
N LYS G 74 -3.53 34.34 -12.28
CA LYS G 74 -3.95 35.10 -13.47
C LYS G 74 -3.55 34.40 -14.76
N LYS G 75 -4.19 33.25 -14.97
CA LYS G 75 -4.29 32.63 -16.27
C LYS G 75 -5.74 32.22 -16.45
N THR G 76 -6.19 32.14 -17.70
CA THR G 76 -7.61 31.90 -17.94
C THR G 76 -7.98 30.43 -17.95
N ARG G 77 -7.02 29.50 -17.85
CA ARG G 77 -7.36 28.10 -17.98
C ARG G 77 -6.62 27.27 -16.94
N ILE G 78 -7.22 26.16 -16.55
CA ILE G 78 -6.63 25.26 -15.56
C ILE G 78 -5.60 24.36 -16.23
N ILE G 79 -4.37 24.42 -15.74
CA ILE G 79 -3.22 23.68 -16.26
C ILE G 79 -2.85 22.65 -15.19
N PRO G 80 -1.90 21.73 -15.36
CA PRO G 80 -1.64 20.75 -14.27
C PRO G 80 -1.12 21.30 -12.97
N ARG G 81 -0.28 22.35 -13.00
CA ARG G 81 0.25 22.88 -11.75
C ARG G 81 -0.85 23.52 -10.90
N HIS G 82 -1.93 24.00 -11.53
CA HIS G 82 -3.10 24.44 -10.79
C HIS G 82 -3.72 23.30 -10.00
N LEU G 83 -3.76 22.11 -10.60
CA LEU G 83 -4.26 20.95 -9.88
C LEU G 83 -3.32 20.56 -8.75
N GLN G 84 -2.01 20.72 -8.93
CA GLN G 84 -1.16 20.31 -7.82
C GLN G 84 -1.12 21.36 -6.71
N LEU G 85 -1.34 22.63 -7.01
CA LEU G 85 -1.48 23.60 -5.93
C LEU G 85 -2.80 23.40 -5.18
N ALA G 86 -3.88 23.05 -5.88
CA ALA G 86 -5.13 22.82 -5.20
C ALA G 86 -5.14 21.52 -4.42
N VAL G 87 -4.35 20.54 -4.83
CA VAL G 87 -4.26 19.31 -4.05
C VAL G 87 -3.33 19.48 -2.85
N ARG G 88 -2.13 20.02 -3.08
CA ARG G 88 -1.16 20.13 -2.00
C ARG G 88 -1.44 21.28 -1.04
N ASN G 89 -2.39 22.16 -1.33
CA ASN G 89 -2.79 23.19 -0.37
C ASN G 89 -4.20 22.94 0.17
N ASP G 90 -4.48 21.68 0.47
CA ASP G 90 -5.58 21.25 1.33
C ASP G 90 -5.00 20.22 2.27
N GLU G 91 -5.83 19.61 3.12
CA GLU G 91 -5.28 18.55 3.96
C GLU G 91 -6.14 17.28 3.90
N GLU G 92 -7.45 17.41 3.68
CA GLU G 92 -8.21 16.20 3.42
C GLU G 92 -8.04 15.72 1.98
N LEU G 93 -7.91 16.63 1.02
CA LEU G 93 -7.49 16.22 -0.31
C LEU G 93 -6.05 15.73 -0.31
N ASN G 94 -5.23 16.26 0.59
CA ASN G 94 -3.86 15.75 0.71
C ASN G 94 -3.85 14.33 1.25
N LYS G 95 -4.65 14.05 2.29
CA LYS G 95 -4.69 12.70 2.84
C LYS G 95 -5.35 11.72 1.89
N LEU G 96 -6.25 12.20 1.03
CA LEU G 96 -6.77 11.32 0.00
C LEU G 96 -5.72 11.05 -1.07
N LEU G 97 -4.88 12.05 -1.39
CA LEU G 97 -3.91 11.93 -2.47
C LEU G 97 -2.49 12.11 -1.98
N GLY G 98 -2.13 11.42 -0.90
CA GLY G 98 -0.78 11.53 -0.38
C GLY G 98 0.27 10.76 -1.14
N ARG G 99 -0.13 10.02 -2.15
CA ARG G 99 0.78 9.18 -2.89
C ARG G 99 1.00 9.62 -4.33
N VAL G 100 -0.05 10.13 -4.98
CA VAL G 100 -0.09 10.28 -6.42
C VAL G 100 0.93 11.30 -6.91
N THR G 101 1.34 11.16 -8.15
CA THR G 101 2.28 12.07 -8.78
C THR G 101 1.62 12.63 -10.04
N ILE G 102 1.37 13.93 -10.03
CA ILE G 102 0.76 14.62 -11.16
C ILE G 102 1.84 14.93 -12.18
N ALA G 103 1.66 14.46 -13.41
CA ALA G 103 2.69 14.60 -14.43
C ALA G 103 2.72 16.03 -14.96
N GLN G 104 3.93 16.48 -15.33
CA GLN G 104 4.26 17.89 -15.61
C GLN G 104 3.83 18.78 -14.46
N GLY G 105 4.07 18.32 -13.24
CA GLY G 105 3.38 18.88 -12.11
C GLY G 105 4.09 19.94 -11.31
N GLY G 106 5.40 19.84 -11.15
CA GLY G 106 6.10 20.73 -10.26
C GLY G 106 5.88 20.33 -8.82
N VAL G 107 6.51 21.07 -7.90
CA VAL G 107 6.41 20.78 -6.49
C VAL G 107 5.74 21.95 -5.80
N LEU G 108 5.45 21.76 -4.53
CA LEU G 108 5.01 22.87 -3.70
C LEU G 108 6.23 23.70 -3.31
N PRO G 109 6.13 25.03 -3.31
CA PRO G 109 7.26 25.86 -2.87
C PRO G 109 7.41 25.84 -1.36
N ASN G 110 8.48 25.18 -0.87
CA ASN G 110 8.80 25.15 0.55
C ASN G 110 10.29 25.40 0.77
N ILE G 111 10.60 26.47 1.49
CA ILE G 111 11.95 26.78 1.96
C ILE G 111 11.84 27.04 3.45
N GLN G 112 12.70 26.40 4.24
CA GLN G 112 12.62 26.47 5.70
C GLN G 112 13.13 27.82 6.20
N SER G 113 13.27 27.96 7.52
CA SER G 113 13.77 29.19 8.10
C SER G 113 15.19 29.07 8.63
N VAL G 114 15.62 27.87 9.01
CA VAL G 114 16.93 27.71 9.62
C VAL G 114 18.02 27.52 8.56
N LEU G 115 17.68 27.02 7.38
CA LEU G 115 18.69 26.67 6.40
C LEU G 115 19.28 27.90 5.71
N LEU G 116 18.55 29.01 5.70
CA LEU G 116 19.06 30.23 5.10
C LEU G 116 19.98 30.97 6.06
N SER H 32 -13.15 3.61 -34.89
CA SER H 32 -12.87 2.76 -33.74
C SER H 32 -12.99 3.56 -32.46
N ARG H 33 -14.04 3.28 -31.68
CA ARG H 33 -14.37 4.10 -30.52
C ARG H 33 -13.39 3.86 -29.38
N LYS H 34 -13.27 4.88 -28.53
CA LYS H 34 -12.54 4.79 -27.28
C LYS H 34 -13.15 5.79 -26.32
N GLU H 35 -13.57 5.33 -25.15
CA GLU H 35 -14.39 6.13 -24.25
C GLU H 35 -13.52 7.03 -23.37
N SER H 36 -14.17 7.95 -22.67
CA SER H 36 -13.45 8.97 -21.91
C SER H 36 -14.35 9.46 -20.78
N TYR H 37 -13.95 10.56 -20.15
CA TYR H 37 -14.78 11.30 -19.20
C TYR H 37 -14.66 12.80 -19.39
N ALA H 38 -14.17 13.26 -20.54
CA ALA H 38 -13.76 14.65 -20.68
C ALA H 38 -14.94 15.60 -20.73
N ILE H 39 -16.03 15.18 -21.39
CA ILE H 39 -17.20 16.04 -21.55
C ILE H 39 -17.85 16.34 -20.20
N TYR H 40 -17.86 15.37 -19.29
CA TYR H 40 -18.55 15.58 -18.03
C TYR H 40 -17.75 16.45 -17.09
N VAL H 41 -16.43 16.29 -17.10
CA VAL H 41 -15.53 17.16 -16.35
C VAL H 41 -15.68 18.59 -16.84
N TYR H 42 -15.80 18.76 -18.16
CA TYR H 42 -15.96 20.10 -18.70
C TYR H 42 -17.31 20.70 -18.31
N LYS H 43 -18.35 19.87 -18.23
CA LYS H 43 -19.66 20.39 -17.82
C LYS H 43 -19.67 20.76 -16.34
N VAL H 44 -18.96 20.00 -15.51
CA VAL H 44 -18.88 20.37 -14.09
C VAL H 44 -18.06 21.65 -13.91
N LEU H 45 -16.99 21.81 -14.67
CA LEU H 45 -16.18 23.03 -14.55
C LEU H 45 -16.95 24.25 -14.98
N LYS H 46 -17.52 24.23 -16.18
CA LYS H 46 -18.35 25.38 -16.53
C LYS H 46 -19.74 25.35 -15.92
N GLN H 47 -20.00 24.50 -14.93
CA GLN H 47 -21.03 24.83 -13.96
C GLN H 47 -20.45 25.65 -12.81
N VAL H 48 -19.27 25.24 -12.31
CA VAL H 48 -18.71 25.79 -11.06
C VAL H 48 -18.41 27.27 -11.18
N HIS H 49 -17.62 27.66 -12.19
CA HIS H 49 -17.43 29.08 -12.48
C HIS H 49 -17.23 29.28 -13.97
N PRO H 50 -17.98 30.16 -14.59
CA PRO H 50 -18.22 30.05 -16.03
C PRO H 50 -17.21 30.72 -16.94
N ASP H 51 -16.03 31.09 -16.45
CA ASP H 51 -15.05 31.71 -17.34
C ASP H 51 -13.99 30.73 -17.80
N THR H 52 -13.40 30.00 -16.88
CA THR H 52 -12.20 29.22 -17.12
C THR H 52 -12.53 27.92 -17.85
N GLY H 53 -11.68 27.54 -18.79
CA GLY H 53 -11.68 26.22 -19.37
C GLY H 53 -10.42 25.44 -19.01
N ILE H 54 -10.29 24.26 -19.62
CA ILE H 54 -9.31 23.27 -19.21
C ILE H 54 -8.38 22.94 -20.37
N SER H 55 -7.08 23.08 -20.16
CA SER H 55 -6.13 22.57 -21.14
C SER H 55 -6.08 21.07 -21.05
N SER H 56 -5.85 20.42 -22.20
CA SER H 56 -6.13 18.99 -22.38
C SER H 56 -5.32 18.08 -21.47
N LYS H 57 -4.16 18.53 -20.97
CA LYS H 57 -3.44 17.71 -20.01
C LYS H 57 -4.15 17.67 -18.67
N ALA H 58 -4.90 18.71 -18.31
CA ALA H 58 -5.67 18.63 -17.08
C ALA H 58 -6.92 17.78 -17.23
N MET H 59 -7.54 17.76 -18.42
CA MET H 59 -8.53 16.74 -18.76
C MET H 59 -7.98 15.35 -18.56
N SER H 60 -6.74 15.11 -19.01
CA SER H 60 -6.14 13.79 -18.87
C SER H 60 -5.88 13.43 -17.41
N ILE H 61 -5.38 14.39 -16.63
CA ILE H 61 -5.04 14.15 -15.23
C ILE H 61 -6.29 13.84 -14.43
N MET H 62 -7.33 14.64 -14.59
CA MET H 62 -8.47 14.32 -13.73
C MET H 62 -9.41 13.31 -14.36
N ASN H 63 -9.24 12.97 -15.63
CA ASN H 63 -9.77 11.72 -16.16
C ASN H 63 -9.20 10.54 -15.39
N SER H 64 -7.87 10.52 -15.23
CA SER H 64 -7.25 9.46 -14.43
C SER H 64 -7.62 9.57 -12.96
N PHE H 65 -7.91 10.77 -12.46
CA PHE H 65 -8.33 10.91 -11.08
C PHE H 65 -9.72 10.34 -10.83
N VAL H 66 -10.67 10.60 -11.74
CA VAL H 66 -11.99 10.03 -11.61
C VAL H 66 -11.94 8.52 -11.73
N ASN H 67 -11.09 8.00 -12.62
CA ASN H 67 -10.97 6.55 -12.75
C ASN H 67 -10.30 5.91 -11.53
N ASP H 68 -9.36 6.61 -10.90
CA ASP H 68 -8.68 6.07 -9.72
C ASP H 68 -9.60 6.07 -8.50
N VAL H 69 -10.36 7.16 -8.28
CA VAL H 69 -11.30 7.20 -7.17
C VAL H 69 -12.41 6.17 -7.37
N PHE H 70 -12.82 5.97 -8.63
CA PHE H 70 -13.83 4.95 -8.93
C PHE H 70 -13.33 3.55 -8.60
N GLU H 71 -12.09 3.24 -8.99
CA GLU H 71 -11.59 1.90 -8.71
C GLU H 71 -11.38 1.70 -7.22
N ARG H 72 -11.01 2.74 -6.47
CA ARG H 72 -10.87 2.59 -5.02
C ARG H 72 -12.21 2.30 -4.36
N ILE H 73 -13.24 3.09 -4.67
CA ILE H 73 -14.52 2.94 -3.99
C ILE H 73 -15.20 1.64 -4.39
N ALA H 74 -15.09 1.23 -5.64
CA ALA H 74 -15.72 -0.03 -5.99
C ALA H 74 -14.91 -1.25 -5.55
N GLY H 75 -13.58 -1.12 -5.39
CA GLY H 75 -12.83 -2.23 -4.83
C GLY H 75 -13.16 -2.46 -3.37
N GLU H 76 -13.31 -1.38 -2.61
CA GLU H 76 -13.75 -1.53 -1.23
C GLU H 76 -15.22 -1.97 -1.15
N ALA H 77 -16.03 -1.62 -2.15
CA ALA H 77 -17.38 -2.13 -2.25
C ALA H 77 -17.41 -3.64 -2.38
N SER H 78 -16.60 -4.17 -3.30
CA SER H 78 -16.52 -5.61 -3.49
C SER H 78 -15.96 -6.31 -2.25
N ARG H 79 -15.00 -5.69 -1.57
CA ARG H 79 -14.42 -6.35 -0.41
C ARG H 79 -15.38 -6.38 0.79
N LEU H 80 -16.14 -5.31 1.03
CA LEU H 80 -17.16 -5.38 2.08
C LEU H 80 -18.25 -6.39 1.75
N ALA H 81 -18.78 -6.35 0.53
CA ALA H 81 -19.85 -7.29 0.22
C ALA H 81 -19.36 -8.71 0.00
N HIS H 82 -18.05 -8.94 0.01
CA HIS H 82 -17.54 -10.30 0.15
C HIS H 82 -17.25 -10.68 1.59
N TYR H 83 -16.85 -9.73 2.45
CA TYR H 83 -16.58 -10.09 3.84
C TYR H 83 -17.85 -10.33 4.64
N ASN H 84 -18.98 -9.74 4.26
CA ASN H 84 -20.21 -10.03 5.00
C ASN H 84 -21.02 -11.14 4.35
N LYS H 85 -20.39 -11.99 3.52
CA LYS H 85 -20.99 -13.16 2.88
C LYS H 85 -22.20 -12.81 2.04
N ARG H 86 -22.22 -11.60 1.49
CA ARG H 86 -23.37 -11.04 0.80
C ARG H 86 -23.07 -11.10 -0.69
N SER H 87 -23.99 -10.62 -1.53
CA SER H 87 -23.75 -10.70 -2.96
C SER H 87 -24.21 -9.46 -3.74
N THR H 88 -24.59 -8.38 -3.08
CA THR H 88 -25.02 -7.17 -3.79
C THR H 88 -24.13 -6.00 -3.42
N ILE H 89 -24.00 -5.09 -4.37
CA ILE H 89 -23.40 -3.79 -4.14
C ILE H 89 -24.55 -2.80 -4.16
N THR H 90 -25.03 -2.37 -3.01
CA THR H 90 -26.18 -1.47 -2.97
C THR H 90 -25.76 -0.15 -2.33
N SER H 91 -26.75 0.71 -2.05
CA SER H 91 -26.46 2.08 -1.67
C SER H 91 -25.85 2.19 -0.28
N ARG H 92 -26.35 1.41 0.68
CA ARG H 92 -25.82 1.49 2.04
C ARG H 92 -24.38 1.01 2.10
N GLU H 93 -24.04 0.05 1.26
CA GLU H 93 -22.68 -0.44 1.22
C GLU H 93 -21.74 0.59 0.60
N ILE H 94 -22.18 1.30 -0.45
CA ILE H 94 -21.34 2.35 -1.01
C ILE H 94 -21.16 3.49 -0.02
N GLN H 95 -22.20 3.77 0.78
CA GLN H 95 -22.11 4.82 1.79
C GLN H 95 -21.10 4.45 2.87
N THR H 96 -21.05 3.19 3.27
CA THR H 96 -20.02 2.76 4.22
C THR H 96 -18.62 2.78 3.60
N ALA H 97 -18.50 2.41 2.32
CA ALA H 97 -17.18 2.46 1.67
C ALA H 97 -16.65 3.89 1.56
N VAL H 98 -17.53 4.84 1.27
CA VAL H 98 -17.14 6.24 1.20
C VAL H 98 -16.75 6.74 2.59
N ARG H 99 -17.47 6.33 3.64
CA ARG H 99 -17.06 6.78 4.97
C ARG H 99 -15.79 6.10 5.47
N LEU H 100 -15.39 4.98 4.88
CA LEU H 100 -14.04 4.48 5.15
C LEU H 100 -12.99 5.34 4.47
N LEU H 101 -13.06 5.47 3.14
CA LEU H 101 -11.89 5.91 2.36
C LEU H 101 -11.58 7.40 2.55
N LEU H 102 -12.58 8.24 2.66
CA LEU H 102 -12.33 9.67 2.66
C LEU H 102 -11.97 10.18 4.05
N PRO H 103 -11.22 11.29 4.13
CA PRO H 103 -10.94 11.92 5.42
C PRO H 103 -12.13 12.62 6.06
N GLY H 104 -11.86 13.37 7.12
CA GLY H 104 -12.84 13.90 8.05
C GLY H 104 -14.09 14.61 7.55
N GLU H 105 -13.97 15.82 7.00
CA GLU H 105 -15.18 16.50 6.56
C GLU H 105 -15.63 15.99 5.21
N LEU H 106 -14.68 15.53 4.39
CA LEU H 106 -14.96 15.21 3.00
C LEU H 106 -15.88 14.00 2.90
N ALA H 107 -15.71 13.04 3.81
CA ALA H 107 -16.60 11.88 3.86
C ALA H 107 -18.00 12.28 4.25
N LYS H 108 -18.14 13.15 5.25
CA LYS H 108 -19.46 13.54 5.76
C LYS H 108 -20.24 14.31 4.69
N HIS H 109 -19.58 15.23 4.00
CA HIS H 109 -20.36 16.00 3.05
C HIS H 109 -20.54 15.29 1.71
N ALA H 110 -19.61 14.40 1.32
CA ALA H 110 -19.84 13.58 0.13
C ALA H 110 -20.98 12.58 0.36
N VAL H 111 -21.08 12.01 1.57
CA VAL H 111 -22.19 11.12 1.90
C VAL H 111 -23.51 11.88 1.92
N SER H 112 -23.55 13.09 2.47
CA SER H 112 -24.82 13.82 2.45
C SER H 112 -25.20 14.27 1.03
N GLU H 113 -24.22 14.56 0.17
CA GLU H 113 -24.56 14.85 -1.23
C GLU H 113 -25.10 13.62 -1.94
N GLY H 114 -24.50 12.45 -1.70
CA GLY H 114 -25.00 11.24 -2.32
C GLY H 114 -26.39 10.85 -1.88
N THR H 115 -26.67 11.02 -0.58
CA THR H 115 -28.01 10.74 -0.08
C THR H 115 -29.04 11.72 -0.67
N LYS H 116 -28.63 12.96 -0.94
CA LYS H 116 -29.59 13.85 -1.58
C LYS H 116 -29.80 13.51 -3.05
N ALA H 117 -28.78 12.97 -3.71
CA ALA H 117 -28.96 12.49 -5.09
C ALA H 117 -29.87 11.26 -5.16
N VAL H 118 -29.71 10.33 -4.23
CA VAL H 118 -30.54 9.12 -4.22
C VAL H 118 -31.98 9.43 -3.84
N THR H 119 -32.21 10.39 -2.95
CA THR H 119 -33.58 10.84 -2.70
C THR H 119 -34.21 11.44 -3.94
N LYS H 120 -33.49 12.31 -4.66
CA LYS H 120 -34.11 12.92 -5.84
C LYS H 120 -34.23 11.95 -7.01
N TYR H 121 -33.47 10.86 -7.02
CA TYR H 121 -33.70 9.78 -7.99
C TYR H 121 -34.94 8.97 -7.62
N THR H 122 -34.94 8.37 -6.44
CA THR H 122 -35.96 7.42 -6.00
C THR H 122 -37.26 8.12 -5.56
N SER H 123 -37.37 9.43 -5.71
CA SER H 123 -38.68 10.07 -5.77
C SER H 123 -39.20 10.20 -7.18
N ALA H 124 -38.79 9.31 -8.08
CA ALA H 124 -39.27 9.32 -9.46
C ALA H 124 -39.33 7.92 -10.05
#